data_6QWL
#
_entry.id   6QWL
#
_cell.length_a   1.00
_cell.length_b   1.00
_cell.length_c   1.00
_cell.angle_alpha   90.000
_cell.angle_beta   90.000
_cell.angle_gamma   90.000
#
_symmetry.space_group_name_H-M   'P 1'
#
loop_
_entity.id
_entity.type
_entity.pdbx_description
1 polymer 'Polymerase acidic protein'
2 polymer 'RNA-directed RNA polymerase catalytic subunit'
3 polymer 'Polymerase basic protein 2'
4 polymer "3' cRNA"
5 polymer "5' cRNA"
#
loop_
_entity_poly.entity_id
_entity_poly.type
_entity_poly.pdbx_seq_one_letter_code
_entity_poly.pdbx_strand_id
1 'polypeptide(L)'
;MDTFITRNFQTTIIQKAKNTMAEFSEDPELQPAMLFNICVHLEVCYVISDMNFLDEEGKSYTALEGQGKEQNLRPQYEVI
EGMPRTIAWMVQRSLAQEHGIETPKYLADLFDYKTKRFIEVGITKGLADDYFWKKKEKLGNSMELMIFSYNQDYSLSNES
SLDEEGKGRVLSRLTELQAELSLKNLWQVLIGEEDVEKGIDFKLGQTISRLRDISVPAGFSNFEGMRSYIDNIDPKGAIE
RNLARMSPLVSATPKKLKWEDLRPIGPHIYNHELPEVPYNAFLLMSDELGLANMTEGKSKKPKTLAKECLEKYSTLRDQT
DPILIMKSEKANENFLWKLWRDCVNTISNEEMSNELQKTNYAKWATGDGLTYQKIMKEVAIDDETMCQEEPKIPNKCRVA
AWVQTEMNLLSTLTSKRALDLPEIGPDVAPVEHVGSERRKYFVNEINYCKASTVMMKYVLFHTSLLNESNASMGKYKVIP
ITNRVVNEKGESFDMLYGLAVKGQSHLRGDTDVVTVVTFEFSSTDPRVDSGKWPKYTVFRIGSLFVSGREKSVYLYCRVN
GTNKIQMKWGMEARRCLLQSMQQMEAIVEQESSIQGYDMTKACFKGDRVNSPKTFSIGTQEGKLVKGSFGKALRVIFTKC
LMHYVFGNAQLEGFSAESRRLLLLIQALKDRKGPWVFDLEGMYSGIEECISNNPWVIQSAYWFNEWLGFEKEGSKVLESV
DEIMDE
;
E
2 'polypeptide(L)'
;MNINPYFLFIDVPIQAAISTTFPYTGVPPYSHGTGTGHTIDTVIRTHEYSNKGKQYVSDVTGCTMVDPTNGPLPEDNEPS
AYAQLDCVLEALDRMDEEHPGLFQAASQNAMEALMVTTVDKLTQGRQTFDWTVCRNQPAATALNTTITSFRLNDLNGADK
GGLVPFCQDIIDSLDKPEMTFFSVKNIKKKLPAKNRKGFLIKRIPMKVKDRITRVEYIKRALSLNTMTKDAERGKLKRRA
IATAGIQIRGFVLVVENLAKNICENLEQSGLPVGGNEKKAKLSNAVAKMLSNCPPGGISMTVTGDNTKWNECLNPRIFLA
MTERITRDSPIWFRDFCSIAPVLFSNKIARLGKGFMITSKTKRLKAQIPCPDLFSIPLERYNEETRAKLKKLKPFFNEEG
TASLSPGMMMGMFNMLSTVLGVAALGIKNIGNKEYLWDGLQSSDDFALFVNAKDEETCMEGINDFYRTCKLLGINMSKKK
SYCNETGMFEFTSMFYRDGFVSNFAMEIPSFGVAGVNESADMAIGMTIIKNNMINNGMGPATAQTAIQLFIADYRYTYKC
HRGDSKVEGKRMKIIKELWENTKGRDGLLVADGGPNIYNLRNLHIPEIVLKYNLMDPEYKGRLLHPQNPFVGHLSIEGIK
EADITPAHGPVKKMDYDAVSGTHSWRTKRNRSILNTDQRNMILEEQCYAKCCNLFEACFNSASYRKPVGQHSMLEAMAHR
LRMDARLDYESGRMSKDDFEKAMAHLGEIGYI
;
K
3 'polypeptide(L)'
;MTLAKIELLKQLLRDNEAKTVLKQTTVDQYNIIRKFNTSRIEKNPSLRMKWAMCSNFPLALTKGDMANRIPLEYKGIQLK
TNAEDIGTKGQMCSIAAVTWWNTYGPIGDTEGFEKVYESFFLRKMRLDNATWGRITFGPVERVRKRVLLNPLTKEMPPDE
ASNVIMEILFPKEAGIPRESTWIHRELIKEKREKLKGTMITPIVLAYMLERELVARRRFLPVAGATSAEFIEMLHCLQGE
NWRQIYHPGGNKLTESRSQSMIVACRKIIRRSIVASNPLELAVEIANKTVIDTEPLKSCLTAIDGGDVACDIIRAALGLK
IRQRQRFGRLELKRISGRGFKNDEEILIGNGTIQKIGIWDGEEEFHVRCGECRGILKKSKMRMEKLLINSAKKEDMKDLI
ILCMVFSQDTRMFQGVRGEINFLNRAGQLLSPMYQLQRYFLNRSNDLFDQWGYEESPKASELHGINELMNASDYTLKGVV
VTKNVIDDFSSTETEKVSITKNLSLIKRTGEVIMGANDVSELESQAQLMITYDTPKMWEMGTTKELVQNTYQWVLKNLVT
LKAQFLLGKEDMFQWDAFEAFESIIPQKMAGQYSGFARAVLKQMRDQEVMKTDQFIKLLPFCFSPPKLRSNGEPYQFLRL
VLKGGGENFIEVRKGSPLFSYNPQTEVLTICGRMMSLKGKIEDEERNRSMGNAVLAGFLVSGKYDPDLGDFKTIEELEKL
KPGEKANILLYQGKPVKVVKRKRYSALSNDISQGIKRQRMTVESMGWALSARENLYFQ
;
Q
4 'polyribonucleotide' GGCCUUGUUUCUACU T
5 'polyribonucleotide' AGCAAAAGCAGGCC W
#
# COMPACT_ATOMS: atom_id res chain seq x y z
N GLN A 206 22.70 -24.38 31.15
CA GLN A 206 24.13 -24.60 31.00
C GLN A 206 24.48 -25.00 29.58
N THR A 207 23.51 -25.51 28.82
CA THR A 207 23.74 -25.71 27.40
C THR A 207 23.74 -24.38 26.67
N ILE A 208 23.02 -23.39 27.21
CA ILE A 208 23.07 -22.04 26.67
C ILE A 208 24.45 -21.43 26.86
N SER A 209 25.15 -21.79 27.94
CA SER A 209 26.53 -21.36 28.11
C SER A 209 27.45 -22.03 27.10
N ARG A 210 27.18 -23.30 26.80
CA ARG A 210 27.95 -24.01 25.79
C ARG A 210 27.79 -23.36 24.42
N LEU A 211 26.55 -23.07 24.03
CA LEU A 211 26.31 -22.39 22.76
C LEU A 211 26.84 -20.97 22.76
N ARG A 212 26.86 -20.31 23.92
CA ARG A 212 27.50 -19.00 24.03
C ARG A 212 28.99 -19.10 23.77
N ASP A 213 29.61 -20.20 24.15
CA ASP A 213 30.98 -20.39 23.71
C ASP A 213 31.04 -20.82 22.25
N ILE A 214 30.00 -21.48 21.73
CA ILE A 214 30.03 -21.93 20.34
C ILE A 214 29.95 -20.74 19.39
N SER A 215 29.28 -19.66 19.78
CA SER A 215 29.34 -18.45 18.97
C SER A 215 30.56 -17.61 19.31
N VAL A 216 31.72 -18.24 19.38
CA VAL A 216 32.96 -17.50 19.41
C VAL A 216 33.20 -17.13 17.96
N PRO A 217 33.69 -15.96 17.67
CA PRO A 217 34.15 -15.67 16.31
C PRO A 217 35.44 -16.42 15.95
N ALA A 218 35.95 -16.16 14.76
CA ALA A 218 37.21 -16.78 14.37
C ALA A 218 38.35 -16.12 15.13
N GLY A 219 39.08 -16.90 15.91
CA GLY A 219 40.26 -16.39 16.56
C GLY A 219 40.42 -16.78 18.01
N PHE A 220 39.33 -16.87 18.75
CA PHE A 220 39.41 -17.21 20.16
C PHE A 220 38.81 -18.59 20.39
N SER A 221 38.96 -19.06 21.62
CA SER A 221 38.58 -20.42 21.97
C SER A 221 37.44 -20.46 22.98
N ASN A 222 37.60 -19.82 24.12
CA ASN A 222 36.57 -19.81 25.15
C ASN A 222 35.83 -18.48 25.14
N PHE A 223 34.54 -18.54 25.50
CA PHE A 223 33.75 -17.32 25.63
C PHE A 223 34.29 -16.45 26.75
N GLU A 224 34.79 -17.06 27.82
CA GLU A 224 35.53 -16.30 28.82
C GLU A 224 36.80 -15.72 28.22
N GLY A 225 37.48 -16.50 27.38
CA GLY A 225 38.62 -15.98 26.66
C GLY A 225 38.22 -14.88 25.70
N MET A 226 37.02 -14.99 25.11
CA MET A 226 36.51 -13.92 24.28
C MET A 226 36.21 -12.68 25.12
N ARG A 227 35.75 -12.85 26.36
CA ARG A 227 35.41 -11.71 27.19
C ARG A 227 36.66 -11.01 27.69
N SER A 228 37.62 -11.78 28.20
CA SER A 228 38.90 -11.24 28.62
C SER A 228 39.66 -10.63 27.45
N TYR A 229 39.43 -11.14 26.25
CA TYR A 229 39.88 -10.44 25.06
C TYR A 229 39.08 -9.16 24.85
N ILE A 230 37.78 -9.19 25.14
CA ILE A 230 36.91 -8.13 24.68
C ILE A 230 37.01 -6.91 25.58
N ASP A 231 37.58 -7.04 26.76
CA ASP A 231 37.78 -5.86 27.60
C ASP A 231 39.24 -5.49 27.83
N ASN A 232 40.20 -6.30 27.37
CA ASN A 232 41.62 -6.05 27.65
C ASN A 232 42.44 -6.11 26.36
N ILE A 233 42.00 -5.41 25.33
CA ILE A 233 42.75 -5.34 24.09
C ILE A 233 42.98 -3.86 23.74
N ASP A 234 44.00 -3.63 22.93
CA ASP A 234 44.44 -2.27 22.63
C ASP A 234 43.52 -1.63 21.60
N PRO A 235 43.23 -0.35 21.76
CA PRO A 235 42.49 0.37 20.71
C PRO A 235 43.28 0.59 19.43
N LYS A 236 44.44 1.22 19.50
CA LYS A 236 45.04 1.75 18.30
C LYS A 236 45.79 0.68 17.53
N GLY A 237 46.20 1.03 16.31
CA GLY A 237 46.92 0.12 15.44
C GLY A 237 46.05 -1.01 14.95
N ALA A 238 44.89 -0.70 14.42
CA ALA A 238 44.00 -1.76 13.98
C ALA A 238 43.48 -1.57 12.56
N ILE A 239 43.17 -0.34 12.16
CA ILE A 239 42.43 -0.11 10.93
C ILE A 239 43.34 0.34 9.79
N GLU A 240 44.31 1.20 10.08
CA GLU A 240 45.18 1.72 9.03
C GLU A 240 46.15 0.65 8.54
N ARG A 241 46.51 -0.30 9.39
CA ARG A 241 47.26 -1.45 8.94
C ARG A 241 46.44 -2.32 8.00
N ASN A 242 45.12 -2.40 8.22
CA ASN A 242 44.27 -3.09 7.25
C ASN A 242 44.13 -2.29 5.97
N LEU A 243 44.21 -0.96 6.05
CA LEU A 243 44.19 -0.14 4.84
C LEU A 243 45.44 -0.36 4.00
N ALA A 244 46.60 -0.46 4.65
CA ALA A 244 47.79 -0.89 3.94
C ALA A 244 47.70 -2.34 3.49
N ARG A 245 46.90 -3.16 4.16
CA ARG A 245 46.76 -4.56 3.81
C ARG A 245 45.77 -4.80 2.67
N MET A 246 44.83 -3.90 2.45
CA MET A 246 43.75 -4.11 1.49
C MET A 246 44.27 -4.08 0.07
N SER A 247 43.48 -4.67 -0.83
CA SER A 247 43.81 -4.77 -2.24
C SER A 247 43.87 -3.38 -2.88
N PRO A 248 44.67 -3.22 -3.94
CA PRO A 248 44.60 -2.01 -4.75
C PRO A 248 43.53 -2.04 -5.82
N LEU A 249 42.58 -2.99 -5.76
CA LEU A 249 41.51 -3.05 -6.74
C LEU A 249 40.13 -2.85 -6.15
N VAL A 250 39.96 -3.08 -4.85
CA VAL A 250 38.67 -2.91 -4.19
C VAL A 250 38.39 -1.42 -4.07
N SER A 251 37.59 -0.88 -4.97
CA SER A 251 37.41 0.55 -5.02
C SER A 251 36.03 0.86 -5.57
N ALA A 252 35.77 2.15 -5.77
CA ALA A 252 34.54 2.60 -6.40
C ALA A 252 34.79 3.37 -7.68
N THR A 253 35.69 4.37 -7.63
CA THR A 253 36.22 5.18 -8.73
C THR A 253 35.09 5.78 -9.56
N PRO A 254 34.49 6.86 -9.10
CA PRO A 254 33.38 7.46 -9.84
C PRO A 254 33.77 8.07 -11.18
N LYS A 255 32.80 8.64 -11.87
CA LYS A 255 32.99 9.01 -13.26
C LYS A 255 32.04 10.14 -13.60
N LYS A 256 32.57 11.18 -14.23
CA LYS A 256 31.77 12.36 -14.58
C LYS A 256 30.86 12.03 -15.74
N LEU A 257 29.64 12.58 -15.70
CA LEU A 257 28.63 12.25 -16.68
C LEU A 257 28.64 13.24 -17.83
N LYS A 258 28.64 12.72 -19.05
CA LYS A 258 28.62 13.54 -20.25
C LYS A 258 27.38 13.24 -21.07
N TRP A 259 27.14 14.10 -22.05
CA TRP A 259 26.01 13.91 -22.96
C TRP A 259 26.19 12.66 -23.81
N GLU A 260 27.43 12.40 -24.21
CA GLU A 260 27.70 11.48 -25.31
C GLU A 260 27.52 10.03 -24.90
N ASP A 261 27.43 9.74 -23.61
CA ASP A 261 27.15 8.37 -23.21
C ASP A 261 25.65 8.10 -23.13
N LEU A 262 24.82 9.13 -23.20
CA LEU A 262 23.38 8.96 -23.17
C LEU A 262 22.93 8.40 -24.52
N ARG A 263 23.15 7.10 -24.68
CA ARG A 263 22.87 6.42 -25.94
C ARG A 263 21.37 6.19 -26.06
N PRO A 264 20.88 5.86 -27.25
CA PRO A 264 19.48 5.44 -27.38
C PRO A 264 19.17 4.22 -26.53
N ILE A 265 18.19 4.38 -25.66
CA ILE A 265 17.80 3.28 -24.78
C ILE A 265 17.16 2.19 -25.61
N GLY A 266 17.79 1.02 -25.62
CA GLY A 266 17.25 -0.13 -26.26
C GLY A 266 17.06 0.02 -27.75
N PRO A 267 18.15 0.09 -28.52
CA PRO A 267 18.01 0.21 -29.97
C PRO A 267 17.61 -1.07 -30.68
N HIS A 268 17.32 -2.15 -29.95
CA HIS A 268 16.85 -3.39 -30.54
C HIS A 268 15.38 -3.33 -30.97
N ILE A 269 14.69 -2.22 -30.68
CA ILE A 269 13.34 -2.04 -31.20
C ILE A 269 13.34 -1.65 -32.67
N TYR A 270 14.41 -1.06 -33.18
CA TYR A 270 14.40 -0.55 -34.54
C TYR A 270 14.67 -1.62 -35.58
N ASN A 271 15.06 -2.81 -35.17
CA ASN A 271 15.31 -3.88 -36.12
C ASN A 271 14.01 -4.38 -36.70
N HIS A 272 13.92 -4.45 -38.02
CA HIS A 272 12.66 -4.67 -38.69
C HIS A 272 12.31 -6.15 -38.85
N GLU A 273 13.04 -7.05 -38.21
CA GLU A 273 12.73 -8.47 -38.28
C GLU A 273 12.11 -8.92 -36.96
N LEU A 274 11.24 -8.08 -36.43
CA LEU A 274 10.51 -8.37 -35.21
C LEU A 274 9.04 -8.16 -35.47
N PRO A 275 8.16 -8.94 -34.84
CA PRO A 275 6.72 -8.76 -35.04
C PRO A 275 6.22 -7.44 -34.48
N GLU A 276 5.04 -7.04 -34.97
CA GLU A 276 4.43 -5.77 -34.61
C GLU A 276 3.94 -5.78 -33.18
N VAL A 277 3.94 -4.62 -32.53
CA VAL A 277 3.41 -4.49 -31.18
C VAL A 277 1.91 -4.67 -31.24
N PRO A 278 1.36 -5.67 -30.60
CA PRO A 278 -0.09 -5.86 -30.71
C PRO A 278 -0.88 -4.87 -29.87
N TYR A 279 -2.18 -5.07 -29.84
CA TYR A 279 -3.07 -4.40 -28.90
C TYR A 279 -3.64 -5.53 -28.09
N ASN A 280 -3.11 -5.74 -26.90
CA ASN A 280 -3.51 -6.86 -26.08
C ASN A 280 -4.06 -6.40 -24.74
N ALA A 281 -4.86 -5.34 -24.77
CA ALA A 281 -5.57 -4.85 -23.60
C ALA A 281 -6.94 -5.51 -23.53
N PHE A 282 -7.81 -4.99 -22.68
CA PHE A 282 -9.01 -5.70 -22.28
C PHE A 282 -10.28 -5.23 -22.98
N LEU A 283 -10.27 -4.04 -23.56
CA LEU A 283 -11.43 -3.53 -24.27
C LEU A 283 -10.92 -2.69 -25.42
N LEU A 284 -11.76 -1.82 -25.95
CA LEU A 284 -11.45 -1.09 -27.16
C LEU A 284 -11.50 0.40 -26.89
N MET A 285 -10.52 1.15 -27.39
CA MET A 285 -10.39 2.54 -26.98
C MET A 285 -10.51 3.54 -28.12
N SER A 286 -9.79 3.37 -29.22
CA SER A 286 -9.94 4.35 -30.28
C SER A 286 -11.16 4.10 -31.14
N ASP A 287 -11.64 2.86 -31.20
CA ASP A 287 -12.66 2.43 -32.15
C ASP A 287 -14.00 2.15 -31.49
N GLU A 288 -14.38 2.95 -30.50
CA GLU A 288 -15.60 2.68 -29.77
C GLU A 288 -16.81 3.01 -30.64
N LEU A 289 -17.79 2.11 -30.62
CA LEU A 289 -19.06 2.38 -31.28
C LEU A 289 -20.16 1.62 -30.56
N GLY A 290 -21.13 2.36 -30.05
CA GLY A 290 -22.40 1.79 -29.64
C GLY A 290 -23.54 2.59 -30.25
N LEU A 291 -24.73 2.12 -29.98
CA LEU A 291 -25.85 2.59 -30.76
C LEU A 291 -26.38 3.89 -30.16
N ALA A 292 -27.23 4.57 -30.92
CA ALA A 292 -27.74 5.89 -30.53
C ALA A 292 -29.13 5.74 -29.94
N ASN A 293 -29.28 6.21 -28.71
CA ASN A 293 -30.45 5.92 -27.88
C ASN A 293 -31.03 7.22 -27.34
N MET A 294 -32.18 7.11 -26.70
CA MET A 294 -32.80 8.25 -26.04
C MET A 294 -33.72 7.73 -24.96
N THR A 295 -33.42 8.05 -23.70
CA THR A 295 -34.35 7.83 -22.61
C THR A 295 -34.44 9.09 -21.75
N GLU A 296 -35.10 8.99 -20.60
CA GLU A 296 -35.37 10.17 -19.80
C GLU A 296 -34.22 10.51 -18.86
N GLY A 297 -33.68 9.52 -18.16
CA GLY A 297 -32.66 9.75 -17.15
C GLY A 297 -32.84 8.80 -16.00
N LYS A 298 -33.93 8.04 -16.04
CA LYS A 298 -34.22 7.02 -15.05
C LYS A 298 -33.24 5.87 -15.20
N SER A 299 -32.36 5.71 -14.20
CA SER A 299 -31.32 4.71 -14.28
C SER A 299 -31.88 3.31 -14.15
N LYS A 300 -32.19 2.70 -15.29
CA LYS A 300 -32.86 1.42 -15.29
C LYS A 300 -31.87 0.29 -15.02
N LYS A 301 -32.38 -0.92 -15.07
CA LYS A 301 -31.51 -2.09 -14.97
C LYS A 301 -30.84 -2.35 -16.33
N PRO A 302 -29.58 -2.79 -16.33
CA PRO A 302 -28.84 -2.88 -17.60
C PRO A 302 -29.34 -3.98 -18.50
N LYS A 303 -30.02 -4.97 -17.95
CA LYS A 303 -30.79 -5.90 -18.75
C LYS A 303 -31.77 -5.15 -19.63
N THR A 304 -32.52 -4.23 -19.03
CA THR A 304 -33.48 -3.46 -19.80
C THR A 304 -32.81 -2.46 -20.71
N LEU A 305 -31.62 -1.98 -20.34
CA LEU A 305 -30.85 -1.10 -21.21
C LEU A 305 -30.44 -1.83 -22.49
N ALA A 306 -30.01 -3.08 -22.35
CA ALA A 306 -29.70 -3.90 -23.51
C ALA A 306 -30.94 -4.23 -24.31
N LYS A 307 -31.99 -4.68 -23.63
CA LYS A 307 -33.27 -5.01 -24.23
C LYS A 307 -33.97 -3.81 -24.85
N GLU A 308 -33.50 -2.60 -24.56
CA GLU A 308 -33.96 -1.38 -25.20
C GLU A 308 -33.10 -1.02 -26.41
N CYS A 309 -31.78 -0.95 -26.23
CA CYS A 309 -30.92 -0.40 -27.26
C CYS A 309 -30.75 -1.34 -28.44
N LEU A 310 -30.62 -2.64 -28.19
CA LEU A 310 -30.55 -3.56 -29.32
C LEU A 310 -31.89 -3.74 -30.01
N GLU A 311 -32.99 -3.66 -29.26
CA GLU A 311 -34.30 -3.77 -29.87
C GLU A 311 -34.62 -2.54 -30.72
N LYS A 312 -34.02 -1.39 -30.37
CA LYS A 312 -34.12 -0.23 -31.23
C LYS A 312 -33.46 -0.47 -32.57
N TYR A 313 -32.27 -1.05 -32.57
CA TYR A 313 -31.57 -1.36 -33.81
C TYR A 313 -31.68 -2.86 -34.11
N SER A 314 -32.87 -3.26 -34.53
CA SER A 314 -33.14 -4.65 -34.84
C SER A 314 -32.83 -4.98 -36.30
N THR A 315 -32.10 -4.11 -36.99
CA THR A 315 -31.41 -4.54 -38.19
C THR A 315 -30.40 -5.62 -37.86
N LEU A 316 -29.73 -5.48 -36.71
CA LEU A 316 -28.81 -6.48 -36.19
C LEU A 316 -29.47 -7.41 -35.21
N ARG A 317 -30.75 -7.70 -35.40
CA ARG A 317 -31.46 -8.62 -34.50
C ARG A 317 -31.01 -10.05 -34.74
N ASP A 318 -31.18 -10.55 -35.95
CA ASP A 318 -30.90 -11.94 -36.26
C ASP A 318 -30.10 -12.04 -37.55
N GLN A 319 -29.02 -11.26 -37.63
CA GLN A 319 -28.09 -11.35 -38.75
C GLN A 319 -27.31 -12.64 -38.61
N THR A 320 -27.92 -13.74 -39.07
CA THR A 320 -27.35 -15.06 -38.89
C THR A 320 -26.49 -15.46 -40.09
N ASP A 321 -25.85 -14.49 -40.72
CA ASP A 321 -24.98 -14.68 -41.88
C ASP A 321 -23.57 -14.19 -41.52
N PRO A 322 -22.79 -14.99 -40.82
CA PRO A 322 -21.45 -14.56 -40.42
C PRO A 322 -20.46 -14.68 -41.57
N ILE A 323 -19.46 -13.79 -41.55
CA ILE A 323 -18.36 -13.81 -42.50
C ILE A 323 -17.07 -13.69 -41.70
N LEU A 324 -16.36 -14.80 -41.55
CA LEU A 324 -15.14 -14.85 -40.75
C LEU A 324 -14.02 -14.05 -41.42
N ILE A 325 -13.30 -13.26 -40.65
CA ILE A 325 -12.36 -12.33 -41.26
C ILE A 325 -10.91 -12.55 -40.80
N MET A 326 -10.62 -12.35 -39.51
CA MET A 326 -9.24 -12.40 -39.04
C MET A 326 -9.02 -13.48 -38.00
N LYS A 327 -9.52 -14.69 -38.28
CA LYS A 327 -9.45 -15.81 -37.33
C LYS A 327 -8.03 -16.18 -37.00
N SER A 328 -7.74 -16.31 -35.70
CA SER A 328 -6.40 -16.50 -35.19
C SER A 328 -6.08 -17.99 -35.08
N GLU A 329 -4.99 -18.30 -34.39
CA GLU A 329 -4.38 -19.63 -34.49
C GLU A 329 -5.18 -20.71 -33.78
N LYS A 330 -5.97 -20.34 -32.77
CA LYS A 330 -6.71 -21.33 -32.01
C LYS A 330 -8.19 -21.02 -31.89
N ALA A 331 -8.63 -19.82 -32.28
CA ALA A 331 -10.03 -19.47 -32.18
C ALA A 331 -10.81 -20.13 -33.30
N ASN A 332 -11.95 -20.72 -32.95
CA ASN A 332 -12.74 -21.52 -33.88
C ASN A 332 -14.08 -20.87 -34.13
N GLU A 333 -14.55 -20.97 -35.38
CA GLU A 333 -15.74 -20.23 -35.79
C GLU A 333 -17.01 -20.82 -35.17
N ASN A 334 -17.10 -22.14 -35.05
CA ASN A 334 -18.34 -22.82 -34.73
C ASN A 334 -18.52 -23.08 -33.25
N PHE A 335 -18.00 -22.22 -32.40
CA PHE A 335 -18.47 -22.20 -31.02
C PHE A 335 -18.80 -20.76 -30.67
N LEU A 336 -18.03 -19.84 -31.26
CA LEU A 336 -18.27 -18.42 -31.06
C LEU A 336 -19.61 -17.99 -31.63
N TRP A 337 -19.93 -18.44 -32.84
CA TRP A 337 -21.13 -17.93 -33.50
C TRP A 337 -22.40 -18.44 -32.83
N LYS A 338 -22.44 -19.75 -32.57
CA LYS A 338 -23.60 -20.29 -31.88
C LYS A 338 -23.69 -19.77 -30.46
N LEU A 339 -22.54 -19.53 -29.82
CA LEU A 339 -22.54 -18.94 -28.48
C LEU A 339 -23.15 -17.55 -28.49
N TRP A 340 -22.73 -16.71 -29.45
CA TRP A 340 -23.20 -15.33 -29.47
C TRP A 340 -24.66 -15.23 -29.86
N ARG A 341 -25.12 -16.13 -30.73
CA ARG A 341 -26.53 -16.08 -31.09
C ARG A 341 -27.42 -16.59 -29.95
N ASP A 342 -26.98 -17.60 -29.20
CA ASP A 342 -27.81 -18.00 -28.06
C ASP A 342 -27.77 -16.96 -26.95
N CYS A 343 -26.64 -16.27 -26.82
CA CYS A 343 -26.52 -15.21 -25.82
C CYS A 343 -27.49 -14.06 -26.11
N VAL A 344 -27.50 -13.56 -27.34
CA VAL A 344 -28.41 -12.45 -27.61
C VAL A 344 -29.84 -12.93 -27.78
N ASN A 345 -30.06 -14.22 -28.00
CA ASN A 345 -31.40 -14.73 -27.82
C ASN A 345 -31.72 -14.99 -26.34
N THR A 346 -30.79 -14.75 -25.42
CA THR A 346 -31.12 -14.65 -24.00
C THR A 346 -30.81 -13.24 -23.49
N ILE A 347 -31.12 -12.21 -24.28
CA ILE A 347 -31.19 -10.85 -23.78
C ILE A 347 -32.60 -10.33 -24.07
N SER A 348 -33.17 -10.70 -25.21
CA SER A 348 -34.46 -10.18 -25.64
C SER A 348 -35.62 -11.08 -25.23
N ASN A 349 -35.67 -11.47 -23.96
CA ASN A 349 -36.81 -12.18 -23.42
C ASN A 349 -36.85 -11.98 -21.92
N GLU A 350 -38.05 -12.01 -21.36
CA GLU A 350 -38.26 -11.73 -19.95
C GLU A 350 -38.47 -12.99 -19.13
N GLU A 351 -37.76 -14.08 -19.48
CA GLU A 351 -37.73 -15.25 -18.62
C GLU A 351 -37.11 -14.92 -17.27
N MET A 352 -35.93 -14.31 -17.31
CA MET A 352 -35.24 -13.79 -16.12
C MET A 352 -34.18 -12.79 -16.57
N SER A 353 -33.30 -12.44 -15.65
CA SER A 353 -32.17 -11.58 -15.88
C SER A 353 -30.98 -12.44 -16.32
N ASN A 354 -29.76 -11.89 -16.21
CA ASN A 354 -28.52 -12.42 -16.75
C ASN A 354 -28.20 -13.86 -16.39
N GLU A 355 -28.20 -14.73 -17.39
CA GLU A 355 -27.78 -16.11 -17.25
C GLU A 355 -27.44 -16.64 -18.64
N LEU A 356 -27.14 -17.93 -18.72
CA LEU A 356 -26.96 -18.64 -19.97
C LEU A 356 -27.58 -20.02 -19.81
N GLN A 357 -27.27 -20.91 -20.72
CA GLN A 357 -27.67 -22.30 -20.62
C GLN A 357 -26.44 -23.20 -20.70
N LYS A 358 -26.64 -24.45 -20.33
CA LYS A 358 -25.55 -25.43 -20.39
C LYS A 358 -25.33 -25.84 -21.85
N THR A 359 -24.24 -25.36 -22.44
CA THR A 359 -23.91 -25.74 -23.81
C THR A 359 -22.41 -25.95 -23.92
N ASN A 360 -22.01 -26.63 -24.99
CA ASN A 360 -20.60 -26.92 -25.22
C ASN A 360 -19.84 -25.71 -25.74
N TYR A 361 -20.55 -24.69 -26.23
CA TYR A 361 -19.88 -23.59 -26.90
C TYR A 361 -19.07 -22.75 -25.92
N ALA A 362 -19.69 -22.34 -24.82
CA ALA A 362 -18.90 -21.70 -23.78
C ALA A 362 -17.98 -22.70 -23.08
N LYS A 363 -18.33 -23.99 -23.08
CA LYS A 363 -17.44 -25.00 -22.52
C LYS A 363 -16.16 -25.17 -23.31
N TRP A 364 -16.11 -24.70 -24.56
CA TRP A 364 -14.85 -24.58 -25.27
C TRP A 364 -14.24 -23.19 -25.13
N ALA A 365 -15.00 -22.13 -25.44
CA ALA A 365 -14.39 -20.81 -25.52
C ALA A 365 -14.26 -20.11 -24.17
N THR A 366 -14.77 -20.71 -23.09
CA THR A 366 -14.49 -20.25 -21.75
C THR A 366 -13.92 -21.33 -20.83
N GLY A 367 -13.85 -22.59 -21.27
CA GLY A 367 -12.86 -23.50 -20.74
C GLY A 367 -13.12 -24.33 -19.49
N ASP A 368 -14.12 -25.19 -19.52
CA ASP A 368 -14.29 -26.19 -18.48
C ASP A 368 -13.23 -27.27 -18.61
N GLY A 369 -12.77 -27.78 -17.47
CA GLY A 369 -11.97 -29.00 -17.44
C GLY A 369 -10.53 -28.85 -17.86
N LEU A 370 -10.08 -27.63 -18.13
CA LEU A 370 -8.72 -27.42 -18.61
C LEU A 370 -7.73 -27.14 -17.49
N THR A 371 -7.96 -27.71 -16.31
CA THR A 371 -6.93 -27.80 -15.29
C THR A 371 -6.65 -29.27 -15.00
N TYR A 372 -5.53 -29.52 -14.35
CA TYR A 372 -5.05 -30.87 -14.15
C TYR A 372 -5.73 -31.50 -12.93
N GLN A 373 -5.32 -32.70 -12.57
CA GLN A 373 -5.81 -33.38 -11.38
C GLN A 373 -4.65 -33.55 -10.41
N LYS A 374 -4.80 -33.00 -9.22
CA LYS A 374 -3.77 -33.12 -8.19
C LYS A 374 -3.83 -34.52 -7.58
N ILE A 375 -2.66 -35.14 -7.46
CA ILE A 375 -2.51 -36.53 -7.03
C ILE A 375 -1.27 -36.60 -6.15
N MET A 376 -1.34 -37.45 -5.12
CA MET A 376 -0.29 -37.58 -4.10
C MET A 376 1.08 -37.87 -4.72
N LYS A 377 2.11 -37.42 -4.02
CA LYS A 377 3.42 -37.15 -4.63
C LYS A 377 4.34 -38.36 -4.68
N GLU A 378 4.08 -39.41 -3.90
CA GLU A 378 5.00 -40.55 -3.89
C GLU A 378 4.90 -41.38 -5.17
N VAL A 379 3.80 -41.25 -5.92
CA VAL A 379 3.71 -41.86 -7.24
C VAL A 379 4.19 -40.87 -8.30
N ALA A 380 4.50 -39.63 -7.92
CA ALA A 380 5.08 -38.65 -8.83
C ALA A 380 6.60 -38.73 -8.84
N ILE A 381 7.17 -39.88 -8.52
CA ILE A 381 8.61 -40.06 -8.42
C ILE A 381 9.15 -40.90 -9.57
N ASP A 382 8.45 -41.99 -9.92
CA ASP A 382 8.95 -42.91 -10.93
C ASP A 382 8.71 -42.39 -12.34
N ASP A 383 7.58 -41.71 -12.56
CA ASP A 383 7.22 -41.21 -13.88
C ASP A 383 8.14 -40.07 -14.26
N GLU A 384 9.01 -40.31 -15.25
CA GLU A 384 10.05 -39.36 -15.61
C GLU A 384 9.52 -38.12 -16.32
N THR A 385 8.23 -38.08 -16.68
CA THR A 385 7.66 -36.90 -17.31
C THR A 385 7.47 -35.73 -16.35
N MET A 386 7.63 -35.94 -15.05
CA MET A 386 7.36 -34.92 -14.04
C MET A 386 8.48 -33.90 -14.03
N CYS A 387 8.32 -32.85 -14.84
CA CYS A 387 9.37 -31.86 -15.00
C CYS A 387 8.83 -30.47 -14.69
N GLN A 388 9.70 -29.64 -14.15
CA GLN A 388 9.36 -28.26 -13.82
C GLN A 388 9.15 -27.47 -15.10
N GLU A 389 8.27 -26.47 -15.03
CA GLU A 389 8.01 -25.61 -16.18
C GLU A 389 9.19 -24.67 -16.43
N GLU A 390 9.06 -23.88 -17.47
CA GLU A 390 9.95 -22.80 -17.80
C GLU A 390 9.21 -21.48 -17.62
N PRO A 391 9.93 -20.37 -17.41
CA PRO A 391 9.25 -19.07 -17.39
C PRO A 391 8.73 -18.69 -18.77
N LYS A 392 7.79 -17.76 -18.77
CA LYS A 392 7.23 -17.27 -20.02
C LYS A 392 8.27 -16.44 -20.75
N ILE A 393 8.60 -16.87 -21.96
CA ILE A 393 9.61 -16.19 -22.78
C ILE A 393 8.97 -14.96 -23.42
N PRO A 394 9.37 -13.76 -23.04
CA PRO A 394 8.79 -12.58 -23.67
C PRO A 394 9.36 -12.34 -25.06
N ASN A 395 8.52 -12.53 -26.07
CA ASN A 395 8.92 -12.26 -27.45
C ASN A 395 9.14 -10.77 -27.60
N LYS A 396 10.36 -10.38 -27.98
CA LYS A 396 10.65 -8.97 -28.21
C LYS A 396 9.84 -8.46 -29.40
N CYS A 397 9.51 -7.17 -29.35
CA CYS A 397 8.62 -6.58 -30.33
C CYS A 397 9.11 -5.19 -30.73
N ARG A 398 8.69 -4.76 -31.92
CA ARG A 398 9.25 -3.59 -32.57
C ARG A 398 8.70 -2.31 -31.96
N VAL A 399 8.89 -1.19 -32.64
CA VAL A 399 8.31 0.07 -32.18
C VAL A 399 6.82 0.10 -32.56
N ALA A 400 6.09 0.98 -31.91
CA ALA A 400 4.68 1.16 -32.21
C ALA A 400 4.50 2.25 -33.25
N ALA A 401 3.62 2.00 -34.21
CA ALA A 401 3.27 3.00 -35.21
C ALA A 401 1.80 3.37 -35.20
N TRP A 402 1.00 2.77 -34.31
CA TRP A 402 -0.41 3.14 -34.18
C TRP A 402 -0.79 3.64 -32.80
N VAL A 403 -0.04 3.27 -31.74
CA VAL A 403 -0.34 3.78 -30.41
C VAL A 403 -0.13 5.30 -30.37
N GLN A 404 0.72 5.80 -31.25
CA GLN A 404 0.77 7.22 -31.53
C GLN A 404 -0.58 7.76 -31.97
N THR A 405 -1.32 7.02 -32.81
CA THR A 405 -2.64 7.50 -33.20
C THR A 405 -3.64 7.43 -32.05
N GLU A 406 -3.46 6.50 -31.11
CA GLU A 406 -4.40 6.45 -29.99
C GLU A 406 -4.09 7.50 -28.94
N MET A 407 -2.86 7.98 -28.88
CA MET A 407 -2.61 9.23 -28.18
C MET A 407 -3.01 10.42 -29.02
N ASN A 408 -3.24 10.22 -30.30
CA ASN A 408 -3.84 11.28 -31.09
C ASN A 408 -5.35 11.24 -31.03
N LEU A 409 -5.94 10.13 -30.63
CA LEU A 409 -7.39 10.03 -30.69
C LEU A 409 -8.08 9.97 -29.35
N LEU A 410 -7.45 9.46 -28.29
CA LEU A 410 -8.04 9.64 -26.98
C LEU A 410 -7.62 10.94 -26.35
N SER A 411 -7.60 12.01 -27.13
CA SER A 411 -7.33 13.34 -26.63
C SER A 411 -8.08 14.38 -27.43
N THR A 412 -9.18 13.99 -28.06
CA THR A 412 -9.93 14.87 -28.95
C THR A 412 -11.28 15.22 -28.34
N LEU A 413 -11.69 16.47 -28.52
CA LEU A 413 -12.99 16.93 -28.01
C LEU A 413 -14.11 16.30 -28.81
N THR A 414 -14.83 15.36 -28.21
CA THR A 414 -16.05 14.84 -28.80
C THR A 414 -17.20 15.77 -28.45
N SER A 415 -18.41 15.29 -28.63
CA SER A 415 -19.60 16.02 -28.19
C SER A 415 -20.31 15.27 -27.10
N LYS A 416 -19.55 14.60 -26.22
CA LYS A 416 -20.15 13.73 -25.22
C LYS A 416 -19.48 13.94 -23.88
N ARG A 417 -20.19 13.56 -22.82
CA ARG A 417 -19.72 13.72 -21.46
C ARG A 417 -20.45 12.70 -20.61
N ALA A 418 -19.71 11.87 -19.88
CA ALA A 418 -20.36 10.82 -19.11
C ALA A 418 -19.81 10.76 -17.72
N LEU A 419 -19.60 11.92 -17.09
CA LEU A 419 -18.97 12.00 -15.79
C LEU A 419 -19.90 12.70 -14.82
N ASP A 420 -20.21 12.04 -13.71
CA ASP A 420 -20.92 12.68 -12.61
C ASP A 420 -20.04 12.65 -11.37
N LEU A 421 -20.18 13.69 -10.55
CA LEU A 421 -19.48 13.76 -9.29
C LEU A 421 -20.50 14.28 -8.29
N PRO A 422 -20.63 13.66 -7.12
CA PRO A 422 -21.65 14.09 -6.17
C PRO A 422 -21.25 15.39 -5.52
N GLU A 423 -22.24 16.14 -5.08
CA GLU A 423 -22.01 17.51 -4.67
C GLU A 423 -21.34 17.58 -3.31
N ILE A 424 -20.76 18.73 -3.01
CA ILE A 424 -20.20 19.02 -1.71
C ILE A 424 -20.99 20.18 -1.11
N GLY A 425 -20.68 20.47 0.15
CA GLY A 425 -21.31 21.56 0.84
C GLY A 425 -20.81 22.89 0.33
N PRO A 426 -21.42 23.97 0.79
CA PRO A 426 -20.99 25.29 0.34
C PRO A 426 -19.68 25.73 0.95
N ASP A 427 -19.26 26.96 0.69
CA ASP A 427 -17.93 27.40 1.10
C ASP A 427 -17.96 28.88 1.40
N VAL A 428 -17.06 29.32 2.28
CA VAL A 428 -16.88 30.76 2.50
C VAL A 428 -15.39 31.05 2.57
N ALA A 429 -14.58 30.01 2.78
CA ALA A 429 -13.14 30.19 2.94
C ALA A 429 -12.49 30.51 1.59
N PRO A 430 -11.47 31.37 1.59
CA PRO A 430 -10.79 31.68 0.33
C PRO A 430 -10.03 30.48 -0.24
N VAL A 431 -9.50 29.62 0.64
CA VAL A 431 -8.84 28.40 0.18
C VAL A 431 -9.84 27.48 -0.51
N GLU A 432 -11.08 27.46 -0.01
CA GLU A 432 -12.10 26.67 -0.67
C GLU A 432 -12.54 27.31 -1.97
N HIS A 433 -12.54 28.64 -2.03
CA HIS A 433 -12.86 29.36 -3.26
C HIS A 433 -11.87 29.00 -4.36
N VAL A 434 -10.58 29.09 -4.08
CA VAL A 434 -9.62 28.79 -5.14
C VAL A 434 -9.52 27.29 -5.40
N GLY A 435 -9.80 26.45 -4.38
CA GLY A 435 -9.81 25.01 -4.61
C GLY A 435 -10.92 24.59 -5.56
N SER A 436 -12.14 25.06 -5.29
CA SER A 436 -13.23 24.77 -6.20
C SER A 436 -13.06 25.49 -7.54
N GLU A 437 -12.34 26.62 -7.55
CA GLU A 437 -12.05 27.31 -8.81
C GLU A 437 -11.21 26.46 -9.75
N ARG A 438 -10.08 25.95 -9.23
CA ARG A 438 -9.24 25.08 -10.04
C ARG A 438 -9.95 23.78 -10.38
N ARG A 439 -10.77 23.26 -9.45
CA ARG A 439 -11.48 22.02 -9.71
C ARG A 439 -12.50 22.17 -10.84
N LYS A 440 -13.25 23.27 -10.84
CA LYS A 440 -14.24 23.45 -11.90
C LYS A 440 -13.57 23.79 -13.23
N TYR A 441 -12.42 24.46 -13.20
CA TYR A 441 -11.72 24.73 -14.46
C TYR A 441 -11.20 23.45 -15.08
N PHE A 442 -10.68 22.55 -14.24
CA PHE A 442 -10.19 21.26 -14.73
C PHE A 442 -11.33 20.40 -15.27
N VAL A 443 -12.41 20.29 -14.49
CA VAL A 443 -13.49 19.40 -14.90
C VAL A 443 -14.29 20.01 -16.05
N ASN A 444 -14.17 21.31 -16.29
CA ASN A 444 -14.68 21.85 -17.54
C ASN A 444 -13.74 21.50 -18.68
N GLU A 445 -12.44 21.51 -18.43
CA GLU A 445 -11.50 21.31 -19.52
C GLU A 445 -11.24 19.85 -19.86
N ILE A 446 -11.81 18.88 -19.16
CA ILE A 446 -11.70 17.50 -19.63
C ILE A 446 -13.03 16.88 -20.00
N ASN A 447 -14.16 17.50 -19.67
CA ASN A 447 -15.45 16.80 -19.73
C ASN A 447 -15.87 16.40 -21.13
N TYR A 448 -15.28 17.00 -22.15
CA TYR A 448 -15.61 16.60 -23.50
C TYR A 448 -14.47 15.82 -24.16
N CYS A 449 -13.56 15.29 -23.37
CA CYS A 449 -12.57 14.34 -23.89
C CYS A 449 -13.22 13.01 -24.20
N LYS A 450 -12.52 12.17 -24.94
CA LYS A 450 -13.04 10.85 -25.22
C LYS A 450 -12.66 9.85 -24.15
N ALA A 451 -11.56 10.09 -23.43
CA ALA A 451 -11.13 9.13 -22.43
C ALA A 451 -12.03 9.13 -21.22
N SER A 452 -12.80 10.19 -21.00
CA SER A 452 -13.81 10.16 -19.95
C SER A 452 -14.85 9.10 -20.24
N THR A 453 -15.29 9.02 -21.49
CA THR A 453 -16.18 7.95 -21.91
C THR A 453 -15.52 6.59 -21.78
N VAL A 454 -14.23 6.52 -22.13
CA VAL A 454 -13.46 5.29 -21.97
C VAL A 454 -13.40 4.87 -20.50
N MET A 455 -13.14 5.84 -19.64
CA MET A 455 -12.97 5.62 -18.21
C MET A 455 -14.25 5.11 -17.59
N MET A 456 -15.37 5.73 -17.95
CA MET A 456 -16.61 5.31 -17.35
C MET A 456 -17.10 4.01 -17.91
N LYS A 457 -16.76 3.69 -19.18
CA LYS A 457 -17.00 2.34 -19.68
C LYS A 457 -16.26 1.32 -18.83
N TYR A 458 -14.98 1.60 -18.54
CA TYR A 458 -14.15 0.64 -17.82
C TYR A 458 -14.61 0.47 -16.38
N VAL A 459 -14.97 1.57 -15.73
CA VAL A 459 -15.34 1.53 -14.33
C VAL A 459 -16.64 0.80 -14.15
N LEU A 460 -17.64 1.14 -14.97
CA LEU A 460 -18.90 0.42 -14.91
C LEU A 460 -18.73 -1.03 -15.29
N PHE A 461 -17.78 -1.32 -16.19
CA PHE A 461 -17.57 -2.69 -16.59
C PHE A 461 -16.96 -3.51 -15.45
N HIS A 462 -15.90 -3.01 -14.82
CA HIS A 462 -15.24 -3.75 -13.76
C HIS A 462 -16.15 -3.89 -12.54
N THR A 463 -16.92 -2.83 -12.24
CA THR A 463 -17.85 -2.87 -11.12
C THR A 463 -18.90 -3.94 -11.33
N SER A 464 -19.55 -3.94 -12.49
CA SER A 464 -20.53 -4.96 -12.79
C SER A 464 -19.91 -6.35 -12.82
N LEU A 465 -18.66 -6.44 -13.25
CA LEU A 465 -17.98 -7.72 -13.38
C LEU A 465 -17.76 -8.38 -12.02
N LEU A 466 -17.11 -7.65 -11.11
CA LEU A 466 -16.85 -8.19 -9.78
C LEU A 466 -18.14 -8.42 -9.02
N ASN A 467 -19.09 -7.49 -9.15
CA ASN A 467 -20.32 -7.62 -8.41
C ASN A 467 -21.13 -8.82 -8.86
N GLU A 468 -21.12 -9.11 -10.15
CA GLU A 468 -21.82 -10.31 -10.54
C GLU A 468 -20.98 -11.57 -10.38
N SER A 469 -19.65 -11.47 -10.29
CA SER A 469 -18.88 -12.66 -10.00
C SER A 469 -19.06 -13.12 -8.56
N ASN A 470 -19.14 -12.15 -7.65
CA ASN A 470 -19.57 -12.46 -6.29
C ASN A 470 -20.98 -13.00 -6.29
N ALA A 471 -21.90 -12.25 -6.90
CA ALA A 471 -23.31 -12.61 -6.83
C ALA A 471 -23.68 -13.78 -7.73
N SER A 472 -22.77 -14.27 -8.56
CA SER A 472 -23.02 -15.48 -9.33
C SER A 472 -21.71 -16.19 -9.55
N MET A 473 -21.61 -17.40 -9.02
CA MET A 473 -20.35 -18.14 -9.06
C MET A 473 -20.33 -19.13 -10.22
N GLY A 474 -21.48 -19.73 -10.55
CA GLY A 474 -21.49 -20.76 -11.58
C GLY A 474 -22.45 -20.52 -12.73
N LYS A 475 -23.52 -19.78 -12.47
CA LYS A 475 -24.44 -19.40 -13.53
C LYS A 475 -23.74 -18.40 -14.42
N TYR A 476 -23.50 -18.79 -15.67
CA TYR A 476 -22.74 -17.95 -16.61
C TYR A 476 -23.51 -16.70 -16.97
N LYS A 477 -23.05 -15.58 -16.43
CA LYS A 477 -23.82 -14.36 -16.58
C LYS A 477 -23.64 -13.80 -17.98
N VAL A 478 -24.39 -12.74 -18.25
CA VAL A 478 -24.16 -11.87 -19.40
C VAL A 478 -24.29 -10.44 -18.93
N ILE A 479 -23.24 -9.66 -19.09
CA ILE A 479 -23.28 -8.29 -18.62
C ILE A 479 -23.30 -7.35 -19.79
N PRO A 480 -24.26 -6.47 -19.91
CA PRO A 480 -24.14 -5.37 -20.86
C PRO A 480 -23.04 -4.42 -20.43
N ILE A 481 -22.20 -4.06 -21.39
CA ILE A 481 -21.20 -3.01 -21.17
C ILE A 481 -21.91 -1.68 -21.36
N THR A 482 -22.07 -0.95 -20.27
CA THR A 482 -22.93 0.23 -20.26
C THR A 482 -22.14 1.46 -19.89
N ASN A 483 -22.56 2.59 -20.45
CA ASN A 483 -22.14 3.89 -19.94
C ASN A 483 -23.18 4.90 -20.41
N ARG A 484 -23.99 5.40 -19.50
CA ARG A 484 -24.90 6.45 -19.85
C ARG A 484 -24.12 7.73 -20.08
N VAL A 485 -24.48 8.46 -21.13
CA VAL A 485 -23.80 9.69 -21.46
C VAL A 485 -24.85 10.73 -21.79
N VAL A 486 -24.71 11.90 -21.23
CA VAL A 486 -25.64 12.97 -21.51
C VAL A 486 -25.10 13.74 -22.71
N ASN A 487 -25.98 14.42 -23.43
CA ASN A 487 -25.54 15.29 -24.50
C ASN A 487 -25.21 16.66 -23.92
N GLU A 488 -25.04 17.64 -24.78
CA GLU A 488 -24.83 19.01 -24.34
C GLU A 488 -26.08 19.58 -23.69
N LYS A 489 -27.23 19.42 -24.35
CA LYS A 489 -28.43 20.10 -23.91
C LYS A 489 -29.07 19.44 -22.69
N GLY A 490 -28.87 18.14 -22.51
CA GLY A 490 -29.39 17.50 -21.32
C GLY A 490 -30.03 16.17 -21.59
N GLU A 491 -30.18 15.82 -22.87
CA GLU A 491 -30.81 14.55 -23.22
C GLU A 491 -29.86 13.40 -22.97
N SER A 492 -30.38 12.33 -22.40
CA SER A 492 -29.55 11.21 -22.04
C SER A 492 -29.37 10.28 -23.22
N PHE A 493 -28.33 9.47 -23.15
CA PHE A 493 -28.08 8.41 -24.11
C PHE A 493 -27.76 7.16 -23.32
N ASP A 494 -28.43 6.06 -23.66
CA ASP A 494 -28.13 4.76 -23.07
C ASP A 494 -27.33 4.01 -24.12
N MET A 495 -26.01 4.17 -24.08
CA MET A 495 -25.13 3.61 -25.09
C MET A 495 -24.70 2.22 -24.67
N LEU A 496 -25.23 1.22 -25.35
CA LEU A 496 -24.81 -0.16 -25.18
C LEU A 496 -23.82 -0.48 -26.28
N TYR A 497 -22.61 -0.83 -25.89
CA TYR A 497 -21.62 -1.42 -26.79
C TYR A 497 -20.95 -2.58 -26.05
N GLY A 498 -21.50 -3.78 -26.25
CA GLY A 498 -20.86 -5.00 -25.80
C GLY A 498 -21.77 -5.97 -25.07
N LEU A 499 -21.31 -7.22 -24.96
CA LEU A 499 -21.84 -8.25 -24.08
C LEU A 499 -20.66 -9.12 -23.64
N ALA A 500 -20.70 -9.60 -22.41
CA ALA A 500 -19.62 -10.39 -21.86
C ALA A 500 -20.14 -11.78 -21.53
N VAL A 501 -19.23 -12.66 -21.11
CA VAL A 501 -19.54 -14.05 -20.76
C VAL A 501 -18.59 -14.46 -19.65
N LYS A 502 -19.12 -14.95 -18.52
CA LYS A 502 -18.28 -15.36 -17.42
C LYS A 502 -18.50 -16.81 -17.10
N GLY A 503 -17.41 -17.56 -16.99
CA GLY A 503 -17.48 -18.97 -16.65
C GLY A 503 -17.56 -19.19 -15.16
N GLN A 504 -17.31 -20.44 -14.77
CA GLN A 504 -17.43 -20.84 -13.38
C GLN A 504 -16.34 -20.18 -12.56
N SER A 505 -16.72 -19.66 -11.40
CA SER A 505 -15.92 -18.64 -10.70
C SER A 505 -15.80 -18.95 -9.23
N HIS A 506 -15.41 -20.16 -8.87
CA HIS A 506 -15.08 -20.42 -7.47
C HIS A 506 -13.69 -19.85 -7.24
N LEU A 507 -13.61 -18.75 -6.52
CA LEU A 507 -12.36 -18.01 -6.37
C LEU A 507 -11.90 -18.14 -4.92
N ARG A 508 -10.91 -18.99 -4.69
CA ARG A 508 -10.43 -19.19 -3.33
C ARG A 508 -9.53 -18.05 -2.89
N GLY A 509 -8.39 -17.88 -3.56
CA GLY A 509 -7.39 -16.97 -3.05
C GLY A 509 -7.41 -15.61 -3.71
N ASP A 510 -6.33 -15.28 -4.42
CA ASP A 510 -6.22 -13.97 -5.03
C ASP A 510 -5.59 -14.02 -6.41
N THR A 511 -5.29 -15.20 -6.95
CA THR A 511 -4.82 -15.32 -8.31
C THR A 511 -5.59 -16.44 -8.99
N ASP A 512 -6.81 -16.68 -8.53
CA ASP A 512 -7.75 -17.41 -9.35
C ASP A 512 -8.20 -16.51 -10.49
N VAL A 513 -8.53 -17.12 -11.61
CA VAL A 513 -8.82 -16.37 -12.82
C VAL A 513 -10.06 -16.98 -13.46
N VAL A 514 -10.82 -16.16 -14.18
CA VAL A 514 -12.02 -16.59 -14.89
C VAL A 514 -12.01 -16.00 -16.30
N THR A 515 -12.51 -16.79 -17.25
CA THR A 515 -12.37 -16.48 -18.67
C THR A 515 -13.41 -15.46 -19.08
N VAL A 516 -12.98 -14.27 -19.47
CA VAL A 516 -13.91 -13.21 -19.78
C VAL A 516 -13.93 -12.95 -21.28
N VAL A 517 -14.83 -13.59 -22.00
CA VAL A 517 -14.95 -13.36 -23.43
C VAL A 517 -15.69 -12.06 -23.68
N THR A 518 -15.10 -11.15 -24.44
CA THR A 518 -15.63 -9.79 -24.58
C THR A 518 -16.02 -9.45 -26.01
N PHE A 519 -17.28 -9.65 -26.38
CA PHE A 519 -17.76 -9.22 -27.67
C PHE A 519 -17.87 -7.72 -27.68
N GLU A 520 -17.57 -7.10 -28.82
CA GLU A 520 -17.71 -5.64 -28.93
C GLU A 520 -17.85 -5.20 -30.38
N PHE A 521 -18.93 -4.50 -30.65
CA PHE A 521 -19.23 -3.97 -31.97
C PHE A 521 -18.23 -2.88 -32.33
N SER A 522 -17.83 -2.84 -33.60
CA SER A 522 -16.73 -2.00 -34.05
C SER A 522 -17.08 -1.30 -35.35
N SER A 523 -16.29 -0.30 -35.70
CA SER A 523 -16.55 0.49 -36.89
C SER A 523 -15.45 0.36 -37.94
N THR A 524 -14.21 0.68 -37.59
CA THR A 524 -13.12 0.68 -38.57
C THR A 524 -12.75 -0.75 -38.92
N ASP A 525 -12.40 -0.96 -40.19
CA ASP A 525 -12.18 -2.29 -40.74
C ASP A 525 -10.97 -2.97 -40.09
N PRO A 526 -10.96 -4.30 -40.06
CA PRO A 526 -9.79 -4.99 -39.53
C PRO A 526 -8.63 -5.14 -40.52
N ARG A 527 -8.58 -4.34 -41.58
CA ARG A 527 -7.65 -4.57 -42.69
C ARG A 527 -6.69 -3.42 -42.91
N VAL A 528 -6.07 -2.88 -41.86
CA VAL A 528 -5.03 -1.89 -42.07
C VAL A 528 -3.72 -2.34 -41.45
N ASP A 529 -3.71 -2.52 -40.13
CA ASP A 529 -2.52 -3.01 -39.42
C ASP A 529 -2.87 -4.40 -38.91
N SER A 530 -2.65 -5.43 -39.73
CA SER A 530 -3.14 -6.76 -39.41
C SER A 530 -2.41 -7.40 -38.24
N GLY A 531 -1.21 -6.92 -37.93
CA GLY A 531 -0.50 -7.42 -36.76
C GLY A 531 -1.07 -6.94 -35.45
N LYS A 532 -1.77 -5.79 -35.46
CA LYS A 532 -2.39 -5.26 -34.25
C LYS A 532 -3.45 -6.18 -33.69
N TRP A 533 -4.04 -7.02 -34.53
CA TRP A 533 -5.19 -7.78 -34.06
C TRP A 533 -5.02 -9.29 -34.11
N PRO A 534 -3.94 -9.87 -33.60
CA PRO A 534 -3.73 -11.30 -33.79
C PRO A 534 -4.49 -12.17 -32.80
N LYS A 535 -5.30 -11.57 -31.96
CA LYS A 535 -6.20 -12.30 -31.08
C LYS A 535 -7.62 -11.82 -31.30
N TYR A 536 -7.94 -11.42 -32.52
CA TYR A 536 -9.21 -10.77 -32.83
C TYR A 536 -10.01 -11.60 -33.83
N THR A 537 -10.92 -12.45 -33.35
CA THR A 537 -11.85 -13.10 -34.26
C THR A 537 -12.87 -12.06 -34.70
N VAL A 538 -13.03 -11.91 -36.00
CA VAL A 538 -13.83 -10.82 -36.55
C VAL A 538 -14.95 -11.48 -37.34
N PHE A 539 -16.10 -11.68 -36.71
CA PHE A 539 -17.26 -12.03 -37.50
C PHE A 539 -17.74 -10.78 -38.23
N ARG A 540 -18.57 -10.98 -39.24
CA ARG A 540 -19.29 -9.88 -39.88
C ARG A 540 -20.79 -10.12 -39.76
N ILE A 541 -21.50 -9.11 -39.25
CA ILE A 541 -22.92 -9.23 -38.97
C ILE A 541 -23.74 -8.23 -39.80
N GLY A 542 -23.29 -7.00 -39.94
CA GLY A 542 -24.05 -6.05 -40.71
C GLY A 542 -23.30 -4.80 -41.04
N SER A 543 -24.05 -3.75 -41.31
CA SER A 543 -23.52 -2.42 -41.55
C SER A 543 -24.66 -1.42 -41.35
N LEU A 544 -24.30 -0.21 -40.96
CA LEU A 544 -25.29 0.81 -40.61
C LEU A 544 -24.88 2.14 -41.23
N PHE A 545 -25.78 2.70 -42.05
CA PHE A 545 -25.65 4.11 -42.44
C PHE A 545 -26.13 4.92 -41.27
N VAL A 546 -25.21 5.26 -40.37
CA VAL A 546 -25.59 5.86 -39.10
C VAL A 546 -26.06 7.31 -39.31
N SER A 547 -25.20 8.17 -39.85
CA SER A 547 -25.62 9.52 -40.23
C SER A 547 -25.44 9.78 -41.71
N GLY A 548 -24.23 9.57 -42.23
CA GLY A 548 -23.95 9.76 -43.63
C GLY A 548 -23.64 8.47 -44.33
N ARG A 549 -22.36 8.19 -44.51
CA ARG A 549 -21.89 7.11 -45.35
C ARG A 549 -21.75 5.81 -44.54
N GLU A 550 -21.04 4.84 -45.10
CA GLU A 550 -21.04 3.49 -44.57
C GLU A 550 -20.15 3.35 -43.35
N LYS A 551 -20.67 2.64 -42.35
CA LYS A 551 -19.88 2.05 -41.29
C LYS A 551 -20.41 0.64 -41.09
N SER A 552 -19.50 -0.30 -40.89
CA SER A 552 -19.86 -1.72 -40.86
C SER A 552 -19.98 -2.22 -39.43
N VAL A 553 -20.58 -3.41 -39.30
CA VAL A 553 -20.75 -4.09 -38.02
C VAL A 553 -19.89 -5.33 -38.06
N TYR A 554 -18.75 -5.29 -37.36
CA TYR A 554 -17.96 -6.46 -37.05
C TYR A 554 -17.82 -6.55 -35.54
N LEU A 555 -18.18 -7.68 -34.97
CA LEU A 555 -17.96 -7.88 -33.55
C LEU A 555 -16.72 -8.74 -33.32
N TYR A 556 -15.88 -8.29 -32.39
CA TYR A 556 -14.51 -8.76 -32.23
C TYR A 556 -14.43 -9.69 -31.02
N CYS A 557 -14.73 -10.98 -31.24
CA CYS A 557 -14.84 -11.94 -30.14
C CYS A 557 -13.45 -12.31 -29.59
N ARG A 558 -12.93 -11.44 -28.73
CA ARG A 558 -11.73 -11.73 -27.97
C ARG A 558 -11.99 -12.88 -26.99
N VAL A 559 -10.93 -13.54 -26.56
CA VAL A 559 -10.99 -14.31 -25.33
C VAL A 559 -10.02 -13.65 -24.37
N ASN A 560 -10.33 -13.67 -23.08
CA ASN A 560 -9.55 -12.93 -22.09
C ASN A 560 -9.87 -13.46 -20.70
N GLY A 561 -9.11 -13.01 -19.72
CA GLY A 561 -9.33 -13.43 -18.35
C GLY A 561 -8.80 -12.41 -17.36
N THR A 562 -9.37 -12.44 -16.15
CA THR A 562 -8.96 -11.54 -15.07
C THR A 562 -8.92 -12.27 -13.73
N ASN A 563 -8.06 -11.78 -12.85
CA ASN A 563 -8.01 -12.15 -11.44
C ASN A 563 -8.52 -11.00 -10.58
N LYS A 564 -8.86 -11.33 -9.32
CA LYS A 564 -9.57 -10.42 -8.43
C LYS A 564 -8.80 -9.17 -8.07
N ILE A 565 -7.47 -9.20 -8.15
CA ILE A 565 -6.72 -7.98 -7.98
C ILE A 565 -6.99 -7.04 -9.14
N GLN A 566 -7.13 -7.59 -10.35
CA GLN A 566 -7.44 -6.72 -11.47
C GLN A 566 -8.85 -6.18 -11.40
N MET A 567 -9.80 -6.96 -10.85
CA MET A 567 -11.16 -6.44 -10.70
C MET A 567 -11.21 -5.37 -9.64
N LYS A 568 -10.62 -5.61 -8.47
CA LYS A 568 -10.66 -4.63 -7.40
C LYS A 568 -9.84 -3.40 -7.76
N TRP A 569 -8.78 -3.59 -8.52
CA TRP A 569 -7.99 -2.48 -8.99
C TRP A 569 -8.69 -1.77 -10.14
N GLY A 570 -9.64 -2.43 -10.79
CA GLY A 570 -10.42 -1.78 -11.83
C GLY A 570 -11.58 -1.00 -11.30
N MET A 571 -12.16 -1.43 -10.18
CA MET A 571 -13.20 -0.66 -9.53
C MET A 571 -12.67 0.67 -9.00
N GLU A 572 -11.38 0.73 -8.71
CA GLU A 572 -10.76 1.93 -8.20
C GLU A 572 -10.43 2.92 -9.30
N ALA A 573 -10.64 2.58 -10.55
CA ALA A 573 -10.01 3.30 -11.68
C ALA A 573 -10.52 4.67 -11.90
N ARG A 574 -11.37 5.26 -11.06
CA ARG A 574 -11.59 6.70 -11.12
C ARG A 574 -10.52 7.47 -10.37
N ARG A 575 -9.60 6.76 -9.74
CA ARG A 575 -8.53 7.39 -8.96
C ARG A 575 -7.63 8.26 -9.82
N CYS A 576 -7.51 7.94 -11.12
CA CYS A 576 -6.52 8.59 -11.99
C CYS A 576 -6.77 10.09 -12.16
N LEU A 577 -8.02 10.51 -11.92
CA LEU A 577 -8.34 11.92 -11.75
C LEU A 577 -7.49 12.58 -10.68
N LEU A 578 -7.26 11.88 -9.56
CA LEU A 578 -6.50 12.47 -8.47
C LEU A 578 -5.05 12.69 -8.86
N GLN A 579 -4.43 11.71 -9.50
CA GLN A 579 -3.04 11.82 -9.87
C GLN A 579 -2.84 12.92 -10.90
N SER A 580 -3.75 13.00 -11.87
CA SER A 580 -3.69 14.07 -12.85
C SER A 580 -3.92 15.42 -12.20
N MET A 581 -4.78 15.45 -11.18
CA MET A 581 -5.10 16.70 -10.51
C MET A 581 -3.92 17.23 -9.74
N GLN A 582 -3.24 16.36 -9.00
CA GLN A 582 -2.12 16.84 -8.23
C GLN A 582 -0.89 17.07 -9.10
N GLN A 583 -0.80 16.42 -10.25
CA GLN A 583 0.20 16.79 -11.23
C GLN A 583 -0.02 18.21 -11.73
N MET A 584 -1.29 18.52 -12.08
CA MET A 584 -1.65 19.88 -12.46
C MET A 584 -1.41 20.85 -11.33
N GLU A 585 -1.65 20.41 -10.10
CA GLU A 585 -1.45 21.25 -8.93
C GLU A 585 0.01 21.61 -8.77
N ALA A 586 0.91 20.64 -8.94
CA ALA A 586 2.32 20.92 -8.87
C ALA A 586 2.78 21.85 -10.00
N ILE A 587 2.18 21.68 -11.18
CA ILE A 587 2.49 22.55 -12.31
C ILE A 587 2.12 23.99 -11.98
N VAL A 588 0.90 24.19 -11.49
CA VAL A 588 0.47 25.56 -11.27
C VAL A 588 1.10 26.15 -10.02
N GLU A 589 1.54 25.33 -9.07
CA GLU A 589 2.27 25.90 -7.95
C GLU A 589 3.69 26.27 -8.36
N GLN A 590 4.27 25.57 -9.33
CA GLN A 590 5.51 26.04 -9.93
C GLN A 590 5.31 27.38 -10.62
N GLU A 591 4.22 27.49 -11.38
CA GLU A 591 3.94 28.72 -12.12
C GLU A 591 3.67 29.90 -11.19
N SER A 592 2.95 29.66 -10.09
CA SER A 592 2.71 30.73 -9.12
C SER A 592 3.89 30.95 -8.21
N SER A 593 4.82 29.99 -8.11
CA SER A 593 6.09 30.26 -7.47
C SER A 593 6.93 31.21 -8.32
N ILE A 594 6.73 31.17 -9.65
CA ILE A 594 7.37 32.18 -10.49
C ILE A 594 6.77 33.56 -10.25
N GLN A 595 5.44 33.67 -10.15
CA GLN A 595 4.81 34.98 -10.08
C GLN A 595 4.57 35.47 -8.64
N GLY A 596 3.75 34.74 -7.87
CA GLY A 596 3.57 35.14 -6.49
C GLY A 596 2.18 35.01 -5.87
N TYR A 597 1.12 34.95 -6.66
CA TYR A 597 -0.22 34.81 -6.12
C TYR A 597 -0.99 33.81 -6.98
N ASP A 598 -2.32 33.77 -6.80
CA ASP A 598 -3.19 32.86 -7.54
C ASP A 598 -3.12 33.13 -9.03
N MET A 599 -2.50 32.21 -9.77
CA MET A 599 -2.12 32.47 -11.15
C MET A 599 -2.61 31.40 -12.12
N THR A 600 -3.64 30.62 -11.75
CA THR A 600 -4.38 29.92 -12.79
C THR A 600 -5.24 30.88 -13.59
N LYS A 601 -5.55 32.05 -13.00
CA LYS A 601 -6.12 33.18 -13.73
C LYS A 601 -5.16 33.74 -14.76
N ALA A 602 -3.86 33.49 -14.60
CA ALA A 602 -2.90 33.75 -15.67
C ALA A 602 -2.91 32.66 -16.74
N CYS A 603 -3.48 31.50 -16.44
CA CYS A 603 -3.52 30.41 -17.40
C CYS A 603 -4.78 30.42 -18.26
N PHE A 604 -5.97 30.57 -17.66
CA PHE A 604 -7.14 30.45 -18.51
C PHE A 604 -7.44 31.75 -19.28
N LYS A 605 -7.00 32.89 -18.77
CA LYS A 605 -7.21 34.15 -19.48
C LYS A 605 -5.99 35.06 -19.52
N GLY A 606 -5.03 34.91 -18.62
CA GLY A 606 -3.90 35.81 -18.61
C GLY A 606 -4.02 36.92 -17.59
N ASP A 607 -3.08 36.96 -16.65
CA ASP A 607 -3.03 37.96 -15.61
C ASP A 607 -1.97 39.00 -15.98
N ARG A 608 -1.63 39.84 -14.99
CA ARG A 608 -0.84 41.06 -15.21
C ARG A 608 0.55 40.82 -15.80
N VAL A 609 1.16 39.67 -15.54
CA VAL A 609 2.52 39.39 -15.98
C VAL A 609 2.60 38.13 -16.84
N ASN A 610 1.94 37.05 -16.41
CA ASN A 610 2.09 35.76 -17.08
C ASN A 610 0.98 35.60 -18.11
N SER A 611 1.36 35.57 -19.39
CA SER A 611 0.46 35.18 -20.45
C SER A 611 0.17 33.69 -20.35
N PRO A 612 -0.96 33.22 -20.92
CA PRO A 612 -1.16 31.77 -21.05
C PRO A 612 -0.09 31.17 -21.95
N LYS A 613 0.78 30.36 -21.36
CA LYS A 613 2.01 29.94 -22.01
C LYS A 613 1.77 28.71 -22.88
N THR A 614 2.37 28.73 -24.06
CA THR A 614 2.23 27.62 -25.01
C THR A 614 3.03 26.42 -24.51
N PHE A 615 2.40 25.26 -24.50
CA PHE A 615 3.02 24.04 -24.01
C PHE A 615 3.29 23.09 -25.17
N SER A 616 4.55 22.67 -25.30
CA SER A 616 4.96 21.82 -26.41
C SER A 616 4.44 20.41 -26.19
N ILE A 617 3.66 19.90 -27.14
CA ILE A 617 3.04 18.61 -26.93
C ILE A 617 3.37 17.63 -28.05
N GLY A 618 3.30 18.08 -29.31
CA GLY A 618 3.54 17.22 -30.43
C GLY A 618 4.56 17.84 -31.36
N THR A 619 4.90 17.08 -32.40
CA THR A 619 5.94 17.53 -33.31
C THR A 619 5.62 17.03 -34.72
N GLN A 620 5.57 17.97 -35.66
CA GLN A 620 5.21 17.69 -37.04
C GLN A 620 6.40 18.00 -37.94
N GLU A 621 6.70 17.07 -38.86
CA GLU A 621 7.89 17.00 -39.72
C GLU A 621 9.20 17.34 -39.00
N GLY A 622 9.32 16.94 -37.75
CA GLY A 622 10.47 17.32 -36.98
C GLY A 622 10.43 18.74 -36.46
N LYS A 623 9.25 19.36 -36.42
CA LYS A 623 9.09 20.68 -35.83
C LYS A 623 7.95 20.65 -34.84
N LEU A 624 8.17 21.28 -33.69
CA LEU A 624 7.24 21.16 -32.57
C LEU A 624 5.95 21.94 -32.82
N VAL A 625 4.87 21.47 -32.19
CA VAL A 625 3.62 22.20 -32.16
C VAL A 625 3.30 22.54 -30.70
N LYS A 626 2.49 23.58 -30.53
CA LYS A 626 2.19 24.11 -29.21
C LYS A 626 0.69 23.99 -28.98
N GLY A 627 0.27 22.95 -28.29
CA GLY A 627 -1.11 22.82 -27.91
C GLY A 627 -1.49 23.79 -26.80
N SER A 628 -2.79 23.97 -26.64
CA SER A 628 -3.28 24.83 -25.57
C SER A 628 -3.18 24.10 -24.23
N PHE A 629 -3.50 24.83 -23.17
CA PHE A 629 -3.38 24.30 -21.82
C PHE A 629 -4.31 23.12 -21.61
N GLY A 630 -5.54 23.25 -22.12
CA GLY A 630 -6.48 22.16 -22.00
C GLY A 630 -6.07 20.94 -22.78
N LYS A 631 -5.35 21.15 -23.89
CA LYS A 631 -4.79 20.02 -24.62
C LYS A 631 -3.79 19.26 -23.76
N ALA A 632 -2.91 19.99 -23.08
CA ALA A 632 -1.91 19.32 -22.26
C ALA A 632 -2.52 18.68 -21.03
N LEU A 633 -3.59 19.25 -20.50
CA LEU A 633 -4.22 18.61 -19.35
C LEU A 633 -4.97 17.35 -19.75
N ARG A 634 -5.58 17.36 -20.94
CA ARG A 634 -6.13 16.13 -21.49
C ARG A 634 -5.05 15.09 -21.68
N VAL A 635 -3.87 15.53 -22.12
CA VAL A 635 -2.75 14.62 -22.34
C VAL A 635 -2.30 13.98 -21.03
N ILE A 636 -2.15 14.78 -19.98
CA ILE A 636 -1.71 14.25 -18.69
C ILE A 636 -2.74 13.27 -18.14
N PHE A 637 -4.02 13.59 -18.35
CA PHE A 637 -5.09 12.69 -17.93
C PHE A 637 -5.02 11.37 -18.68
N THR A 638 -4.89 11.41 -20.00
CA THR A 638 -4.92 10.14 -20.70
C THR A 638 -3.61 9.39 -20.58
N LYS A 639 -2.53 10.07 -20.22
CA LYS A 639 -1.30 9.35 -19.91
C LYS A 639 -1.47 8.56 -18.63
N CYS A 640 -2.01 9.19 -17.59
CA CYS A 640 -2.20 8.42 -16.37
C CYS A 640 -3.31 7.40 -16.51
N LEU A 641 -4.17 7.56 -17.49
CA LEU A 641 -5.12 6.49 -17.76
C LEU A 641 -4.44 5.34 -18.49
N MET A 642 -3.72 5.62 -19.58
CA MET A 642 -3.11 4.56 -20.36
C MET A 642 -1.99 3.87 -19.60
N HIS A 643 -1.44 4.53 -18.60
CA HIS A 643 -0.63 3.86 -17.60
C HIS A 643 -1.45 2.82 -16.86
N TYR A 644 -2.74 3.06 -16.67
CA TYR A 644 -3.51 2.01 -16.04
C TYR A 644 -3.92 0.94 -17.02
N VAL A 645 -4.34 1.30 -18.23
CA VAL A 645 -5.17 0.43 -19.05
C VAL A 645 -4.43 -0.87 -19.40
N PHE A 646 -3.29 -0.74 -20.08
CA PHE A 646 -2.32 -1.84 -20.19
C PHE A 646 -1.17 -1.61 -19.23
N GLY A 647 -1.42 -1.93 -17.96
CA GLY A 647 -0.40 -1.83 -16.93
C GLY A 647 -0.17 -3.12 -16.18
N ASN A 648 1.00 -3.70 -16.37
CA ASN A 648 1.42 -4.86 -15.61
C ASN A 648 2.80 -4.57 -15.04
N ALA A 649 3.45 -5.57 -14.43
CA ALA A 649 4.60 -5.34 -13.57
C ALA A 649 5.80 -4.77 -14.32
N GLN A 650 5.89 -5.03 -15.63
CA GLN A 650 7.01 -4.51 -16.40
C GLN A 650 6.98 -2.99 -16.49
N LEU A 651 5.78 -2.40 -16.47
CA LEU A 651 5.70 -0.95 -16.51
C LEU A 651 6.19 -0.33 -15.20
N GLU A 652 5.83 -0.94 -14.07
CA GLU A 652 6.33 -0.47 -12.79
C GLU A 652 7.84 -0.63 -12.72
N GLY A 653 8.35 -1.72 -13.29
CA GLY A 653 9.79 -1.91 -13.33
C GLY A 653 10.48 -0.85 -14.16
N PHE A 654 9.93 -0.56 -15.34
CA PHE A 654 10.55 0.43 -16.20
C PHE A 654 10.47 1.82 -15.59
N SER A 655 9.35 2.16 -14.95
CA SER A 655 9.20 3.48 -14.38
C SER A 655 10.10 3.66 -13.17
N ALA A 656 10.11 2.66 -12.28
CA ALA A 656 10.93 2.70 -11.10
C ALA A 656 12.41 2.66 -11.42
N GLU A 657 12.78 2.17 -12.59
CA GLU A 657 14.19 2.26 -12.92
C GLU A 657 14.53 3.49 -13.74
N SER A 658 13.59 4.02 -14.51
CA SER A 658 13.88 5.18 -15.34
C SER A 658 13.79 6.48 -14.58
N ARG A 659 13.18 6.45 -13.39
CA ARG A 659 13.06 7.64 -12.56
C ARG A 659 14.43 8.22 -12.22
N ARG A 660 15.40 7.35 -12.01
CA ARG A 660 16.75 7.83 -11.71
C ARG A 660 17.38 8.51 -12.91
N LEU A 661 17.15 7.98 -14.10
CA LEU A 661 17.71 8.61 -15.28
C LEU A 661 17.02 9.93 -15.56
N LEU A 662 15.73 10.02 -15.23
CA LEU A 662 15.03 11.28 -15.37
C LEU A 662 15.57 12.32 -14.40
N LEU A 663 15.87 11.90 -13.17
CA LEU A 663 16.51 12.79 -12.21
C LEU A 663 17.89 13.21 -12.69
N LEU A 664 18.60 12.29 -13.33
CA LEU A 664 19.94 12.56 -13.82
C LEU A 664 19.92 13.57 -14.95
N ILE A 665 19.01 13.39 -15.89
CA ILE A 665 18.95 14.31 -17.02
C ILE A 665 18.39 15.65 -16.56
N GLN A 666 17.60 15.65 -15.48
CA GLN A 666 17.19 16.91 -14.87
C GLN A 666 18.38 17.66 -14.31
N ALA A 667 19.23 16.95 -13.55
CA ALA A 667 20.40 17.60 -12.97
C ALA A 667 21.41 17.99 -14.03
N LEU A 668 21.43 17.27 -15.14
CA LEU A 668 22.25 17.67 -16.27
C LEU A 668 21.71 18.94 -16.91
N LYS A 669 20.38 19.10 -16.91
CA LYS A 669 19.80 20.30 -17.47
C LYS A 669 20.07 21.53 -16.61
N ASP A 670 20.22 21.34 -15.30
CA ASP A 670 20.49 22.43 -14.39
C ASP A 670 21.96 22.61 -14.11
N ARG A 671 22.83 22.07 -14.98
CA ARG A 671 24.29 22.26 -14.97
C ARG A 671 24.93 21.82 -13.65
N LYS A 672 24.35 20.81 -12.99
CA LYS A 672 24.89 20.35 -11.73
C LYS A 672 26.04 19.38 -11.92
N GLY A 673 26.00 18.60 -13.01
CA GLY A 673 27.08 17.71 -13.36
C GLY A 673 27.26 16.54 -12.42
N PRO A 674 26.32 15.59 -12.44
CA PRO A 674 26.38 14.46 -11.51
C PRO A 674 27.47 13.48 -11.90
N TRP A 675 27.77 12.58 -10.95
CA TRP A 675 28.78 11.55 -11.12
C TRP A 675 28.14 10.21 -10.80
N VAL A 676 28.27 9.27 -11.71
CA VAL A 676 27.57 8.00 -11.62
C VAL A 676 28.61 6.89 -11.60
N PHE A 677 28.45 5.95 -10.67
CA PHE A 677 29.40 4.85 -10.58
C PHE A 677 29.21 3.86 -11.72
N ASP A 678 27.97 3.58 -12.10
CA ASP A 678 27.70 2.56 -13.11
C ASP A 678 26.63 3.06 -14.08
N LEU A 679 27.06 3.54 -15.23
CA LEU A 679 26.10 3.81 -16.29
C LEU A 679 25.55 2.52 -16.86
N GLU A 680 26.40 1.50 -16.99
CA GLU A 680 25.96 0.23 -17.54
C GLU A 680 25.01 -0.49 -16.61
N GLY A 681 25.14 -0.25 -15.30
CA GLY A 681 24.19 -0.82 -14.36
C GLY A 681 22.78 -0.25 -14.55
N MET A 682 22.70 1.08 -14.68
CA MET A 682 21.42 1.74 -14.91
C MET A 682 20.80 1.29 -16.22
N TYR A 683 21.59 1.27 -17.30
CA TYR A 683 21.04 0.92 -18.60
C TYR A 683 20.65 -0.54 -18.68
N SER A 684 21.39 -1.41 -18.01
CA SER A 684 20.98 -2.80 -17.94
C SER A 684 19.68 -2.93 -17.17
N GLY A 685 19.53 -2.14 -16.10
CA GLY A 685 18.28 -2.15 -15.36
C GLY A 685 17.10 -1.64 -16.16
N ILE A 686 17.33 -0.65 -17.03
CA ILE A 686 16.27 -0.17 -17.91
C ILE A 686 15.89 -1.26 -18.90
N GLU A 687 16.84 -1.64 -19.76
CA GLU A 687 16.49 -2.47 -20.89
C GLU A 687 16.49 -3.95 -20.57
N GLU A 688 16.48 -4.33 -19.29
CA GLU A 688 16.16 -5.71 -18.99
C GLU A 688 14.70 -6.04 -19.27
N CYS A 689 13.80 -5.08 -19.07
CA CYS A 689 12.38 -5.36 -19.11
C CYS A 689 11.61 -4.69 -20.24
N ILE A 690 12.26 -3.93 -21.12
CA ILE A 690 11.52 -3.35 -22.24
C ILE A 690 11.34 -4.46 -23.26
N SER A 691 10.25 -5.22 -23.14
CA SER A 691 9.99 -6.26 -24.11
C SER A 691 8.66 -6.13 -24.85
N ASN A 692 7.52 -6.24 -24.16
CA ASN A 692 6.30 -6.53 -24.93
C ASN A 692 5.04 -5.91 -24.37
N ASN A 693 5.11 -4.72 -23.78
CA ASN A 693 3.89 -4.05 -23.38
C ASN A 693 3.81 -2.70 -24.06
N PRO A 694 2.78 -2.45 -24.90
CA PRO A 694 2.86 -1.41 -25.92
C PRO A 694 2.97 0.00 -25.42
N TRP A 695 2.71 0.25 -24.14
CA TRP A 695 3.03 1.57 -23.65
C TRP A 695 4.50 1.68 -23.35
N VAL A 696 5.14 0.58 -22.94
CA VAL A 696 6.54 0.64 -22.52
C VAL A 696 7.46 0.97 -23.69
N ILE A 697 7.30 0.25 -24.79
CA ILE A 697 8.18 0.41 -25.94
C ILE A 697 8.02 1.79 -26.55
N GLN A 698 6.79 2.24 -26.67
CA GLN A 698 6.57 3.56 -27.26
C GLN A 698 6.98 4.66 -26.29
N SER A 699 6.98 4.39 -24.99
CA SER A 699 7.58 5.32 -24.07
C SER A 699 9.08 5.41 -24.31
N ALA A 700 9.71 4.28 -24.65
CA ALA A 700 11.14 4.31 -24.94
C ALA A 700 11.45 5.03 -26.23
N TYR A 701 10.57 4.89 -27.23
CA TYR A 701 10.76 5.63 -28.48
C TYR A 701 10.60 7.13 -28.29
N TRP A 702 9.56 7.53 -27.55
CA TRP A 702 9.36 8.92 -27.19
C TRP A 702 10.54 9.45 -26.40
N PHE A 703 11.13 8.61 -25.56
CA PHE A 703 12.36 8.95 -24.85
C PHE A 703 13.49 9.23 -25.82
N ASN A 704 13.68 8.34 -26.81
CA ASN A 704 14.80 8.49 -27.72
C ASN A 704 14.67 9.75 -28.54
N GLU A 705 13.44 10.08 -28.93
CA GLU A 705 13.22 11.30 -29.68
C GLU A 705 13.39 12.53 -28.80
N TRP A 706 12.94 12.45 -27.55
CA TRP A 706 13.13 13.55 -26.63
C TRP A 706 14.60 13.77 -26.35
N LEU A 707 15.35 12.69 -26.24
CA LEU A 707 16.78 12.78 -26.00
C LEU A 707 17.48 13.37 -27.20
N GLY A 708 17.04 13.02 -28.41
CA GLY A 708 17.56 13.65 -29.60
C GLY A 708 17.26 15.14 -29.64
N PHE A 709 16.08 15.53 -29.16
CA PHE A 709 15.75 16.95 -29.14
C PHE A 709 16.58 17.72 -28.11
N GLU A 710 16.80 17.13 -26.94
CA GLU A 710 17.66 17.80 -25.96
C GLU A 710 19.10 17.83 -26.44
N LYS A 711 19.52 16.83 -27.21
CA LYS A 711 20.86 16.83 -27.77
C LYS A 711 21.03 17.95 -28.79
N GLU A 712 20.07 18.10 -29.70
CA GLU A 712 20.20 19.15 -30.70
C GLU A 712 19.89 20.53 -30.16
N GLY A 713 19.16 20.63 -29.05
CA GLY A 713 18.90 21.93 -28.47
C GLY A 713 19.85 22.33 -27.38
N SER A 714 20.69 21.41 -26.91
CA SER A 714 21.61 21.67 -25.82
C SER A 714 22.98 22.09 -26.31
N LYS A 715 23.05 22.78 -27.45
CA LYS A 715 24.35 23.13 -28.02
C LYS A 715 25.03 24.26 -27.25
N VAL A 716 24.27 25.01 -26.46
CA VAL A 716 24.83 26.05 -25.62
C VAL A 716 24.84 25.57 -24.17
N MET B 1 -0.35 13.99 -37.18
CA MET B 1 0.14 14.74 -36.05
C MET B 1 0.82 13.84 -35.03
N ASN B 2 2.14 13.80 -35.03
CA ASN B 2 2.85 12.96 -34.09
C ASN B 2 2.96 13.66 -32.74
N ILE B 3 2.77 12.89 -31.67
CA ILE B 3 2.62 13.45 -30.33
C ILE B 3 3.37 12.58 -29.35
N ASN B 4 3.76 13.19 -28.24
CA ASN B 4 4.80 12.68 -27.37
C ASN B 4 4.53 13.19 -25.96
N PRO B 5 4.08 12.33 -25.05
CA PRO B 5 3.77 12.77 -23.70
C PRO B 5 4.97 13.13 -22.86
N TYR B 6 6.19 12.81 -23.29
CA TYR B 6 7.32 13.29 -22.53
C TYR B 6 7.62 14.75 -22.80
N PHE B 7 7.01 15.34 -23.83
CA PHE B 7 7.28 16.73 -24.17
C PHE B 7 6.75 17.73 -23.17
N LEU B 8 6.10 17.30 -22.08
CA LEU B 8 5.91 18.17 -20.93
C LEU B 8 7.22 18.75 -20.45
N PHE B 9 8.24 17.90 -20.36
CA PHE B 9 9.48 18.20 -19.69
C PHE B 9 10.35 19.21 -20.41
N ILE B 10 9.89 19.76 -21.54
CA ILE B 10 10.61 20.88 -22.13
C ILE B 10 10.40 22.13 -21.29
N ASP B 11 9.26 22.23 -20.60
CA ASP B 11 8.97 23.40 -19.80
C ASP B 11 8.87 23.07 -18.32
N VAL B 12 8.04 22.13 -17.93
CA VAL B 12 7.87 21.82 -16.51
C VAL B 12 9.08 21.02 -16.03
N PRO B 13 9.67 21.37 -14.89
CA PRO B 13 10.77 20.57 -14.37
C PRO B 13 10.30 19.22 -13.89
N ILE B 14 11.17 18.24 -14.03
CA ILE B 14 10.81 16.86 -13.74
C ILE B 14 10.71 16.64 -12.24
N GLN B 15 11.37 17.49 -11.46
CA GLN B 15 11.30 17.40 -10.01
C GLN B 15 9.96 17.82 -9.44
N ALA B 16 9.01 18.26 -10.28
CA ALA B 16 7.66 18.53 -9.82
C ALA B 16 6.70 17.41 -10.14
N ALA B 17 7.05 16.52 -11.07
CA ALA B 17 6.18 15.44 -11.48
C ALA B 17 6.41 14.17 -10.70
N ILE B 18 6.76 14.28 -9.42
CA ILE B 18 7.22 13.18 -8.57
C ILE B 18 6.22 12.04 -8.47
N SER B 19 4.93 12.36 -8.58
CA SER B 19 3.91 11.32 -8.55
C SER B 19 3.88 10.45 -9.79
N THR B 20 4.61 10.81 -10.84
CA THR B 20 4.73 9.94 -12.01
C THR B 20 6.16 9.80 -12.50
N THR B 21 7.14 10.33 -11.78
CA THR B 21 8.54 10.11 -12.15
C THR B 21 8.96 8.67 -11.85
N THR B 36 9.03 -19.40 -2.19
CA THR B 36 10.12 -20.32 -1.89
C THR B 36 11.34 -19.89 -2.68
N GLY B 37 11.10 -19.36 -3.88
CA GLY B 37 12.19 -18.95 -4.74
C GLY B 37 12.94 -17.76 -4.20
N HIS B 38 12.20 -16.78 -3.67
CA HIS B 38 12.83 -15.65 -2.99
C HIS B 38 13.62 -16.12 -1.78
N THR B 39 13.10 -17.15 -1.09
CA THR B 39 13.76 -17.67 0.10
C THR B 39 15.11 -18.30 -0.24
N ILE B 40 15.12 -19.21 -1.20
CA ILE B 40 16.34 -19.91 -1.56
C ILE B 40 17.33 -18.96 -2.20
N ASP B 41 16.84 -17.97 -2.95
CA ASP B 41 17.75 -16.99 -3.51
C ASP B 41 18.37 -16.10 -2.44
N THR B 42 17.61 -15.79 -1.39
CA THR B 42 18.19 -15.03 -0.28
C THR B 42 19.26 -15.85 0.44
N VAL B 43 18.98 -17.14 0.66
CA VAL B 43 19.95 -18.02 1.31
C VAL B 43 21.24 -18.10 0.49
N ILE B 44 21.12 -18.20 -0.83
CA ILE B 44 22.28 -18.28 -1.70
C ILE B 44 23.05 -16.96 -1.68
N ARG B 45 22.35 -15.83 -1.70
CA ARG B 45 23.04 -14.55 -1.67
C ARG B 45 23.71 -14.26 -0.34
N THR B 46 23.20 -14.82 0.76
CA THR B 46 23.94 -14.75 2.02
C THR B 46 25.19 -15.62 1.98
N HIS B 47 25.01 -16.92 1.79
CA HIS B 47 26.13 -17.86 1.91
C HIS B 47 27.17 -17.69 0.82
N GLU B 48 26.80 -17.15 -0.33
CA GLU B 48 27.73 -16.95 -1.43
C GLU B 48 28.73 -15.84 -1.13
N TYR B 49 28.38 -14.92 -0.24
CA TYR B 49 29.26 -13.79 0.01
C TYR B 49 30.46 -14.14 0.87
N SER B 50 30.42 -15.28 1.57
CA SER B 50 31.55 -15.69 2.39
C SER B 50 31.76 -17.21 2.30
N ASN B 51 31.78 -17.73 1.08
CA ASN B 51 32.03 -19.17 0.89
C ASN B 51 33.42 -19.56 1.36
N LYS B 52 34.43 -18.77 1.00
CA LYS B 52 35.81 -19.07 1.35
C LYS B 52 36.21 -18.49 2.69
N GLY B 53 35.25 -18.25 3.58
CA GLY B 53 35.52 -17.80 4.92
C GLY B 53 35.66 -18.96 5.89
N LYS B 54 35.71 -18.62 7.17
CA LYS B 54 35.89 -19.62 8.20
C LYS B 54 34.60 -20.41 8.41
N GLN B 55 34.73 -21.72 8.51
CA GLN B 55 33.61 -22.65 8.48
C GLN B 55 33.78 -23.63 9.63
N TYR B 56 33.21 -23.31 10.79
CA TYR B 56 33.29 -24.19 11.94
C TYR B 56 31.99 -24.94 12.11
N VAL B 57 32.07 -26.23 12.25
CA VAL B 57 30.90 -27.08 12.32
C VAL B 57 30.48 -27.21 13.77
N SER B 58 29.18 -27.09 14.00
CA SER B 58 28.65 -27.21 15.35
C SER B 58 28.64 -28.66 15.80
N ASP B 59 28.18 -28.87 17.04
CA ASP B 59 28.00 -30.21 17.56
C ASP B 59 26.65 -30.44 18.21
N VAL B 60 25.97 -29.39 18.69
CA VAL B 60 24.63 -29.56 19.24
C VAL B 60 23.66 -29.97 18.14
N THR B 61 23.81 -29.43 16.94
CA THR B 61 23.12 -29.90 15.76
C THR B 61 24.03 -30.60 14.78
N GLY B 62 25.30 -30.20 14.73
CA GLY B 62 26.24 -30.75 13.79
C GLY B 62 26.12 -30.21 12.38
N CYS B 63 25.18 -29.31 12.13
CA CYS B 63 24.94 -28.81 10.80
C CYS B 63 26.09 -27.91 10.36
N THR B 64 26.23 -27.77 9.05
CA THR B 64 27.26 -26.92 8.49
C THR B 64 26.90 -25.46 8.75
N MET B 65 27.83 -24.72 9.35
CA MET B 65 27.54 -23.37 9.84
C MET B 65 28.75 -22.47 9.54
N VAL B 66 28.68 -21.72 8.45
CA VAL B 66 29.82 -20.96 7.96
C VAL B 66 29.81 -19.57 8.57
N ASP B 67 30.99 -18.99 8.75
CA ASP B 67 31.07 -17.78 9.55
C ASP B 67 32.00 -16.73 8.97
N PRO B 68 31.49 -15.55 8.64
CA PRO B 68 32.30 -14.52 7.97
C PRO B 68 33.12 -13.63 8.90
N THR B 69 33.16 -13.92 10.19
CA THR B 69 34.04 -13.17 11.05
C THR B 69 35.49 -13.54 10.79
N ASN B 70 36.33 -12.50 10.71
CA ASN B 70 37.79 -12.60 10.64
C ASN B 70 38.27 -13.42 9.46
N GLY B 71 37.52 -13.41 8.37
CA GLY B 71 37.97 -14.02 7.15
C GLY B 71 38.97 -13.14 6.42
N PRO B 72 39.51 -13.68 5.34
CA PRO B 72 40.43 -12.88 4.53
C PRO B 72 39.70 -11.81 3.76
N LEU B 73 40.44 -10.81 3.37
CA LEU B 73 39.84 -9.69 2.69
C LEU B 73 39.58 -10.04 1.22
N PRO B 74 38.46 -9.59 0.66
CA PRO B 74 38.15 -9.91 -0.73
C PRO B 74 39.02 -9.09 -1.69
N GLU B 75 38.92 -9.42 -2.97
CA GLU B 75 39.76 -8.86 -4.03
C GLU B 75 38.92 -8.43 -5.22
N ASP B 76 37.80 -7.77 -4.97
CA ASP B 76 36.83 -7.51 -6.03
C ASP B 76 36.07 -6.23 -5.69
N ASN B 77 34.92 -6.05 -6.33
CA ASN B 77 34.00 -5.01 -5.95
C ASN B 77 32.64 -5.53 -5.51
N GLU B 78 32.44 -6.84 -5.55
CA GLU B 78 31.14 -7.42 -5.25
C GLU B 78 30.84 -7.32 -3.76
N PRO B 79 29.57 -7.43 -3.37
CA PRO B 79 29.25 -7.49 -1.95
C PRO B 79 29.79 -8.74 -1.29
N SER B 80 30.04 -8.63 0.02
CA SER B 80 30.65 -9.70 0.79
C SER B 80 29.99 -9.74 2.16
N ALA B 81 30.64 -10.44 3.08
CA ALA B 81 30.28 -10.32 4.49
C ALA B 81 31.51 -10.35 5.38
N TYR B 82 32.71 -10.24 4.80
CA TYR B 82 33.93 -10.41 5.58
C TYR B 82 34.19 -9.18 6.43
N ALA B 83 34.47 -9.41 7.70
CA ALA B 83 34.75 -8.33 8.63
C ALA B 83 35.59 -8.88 9.77
N GLN B 84 36.67 -8.18 10.09
CA GLN B 84 37.44 -8.55 11.26
C GLN B 84 36.69 -8.11 12.51
N LEU B 85 37.16 -8.55 13.66
CA LEU B 85 36.46 -8.20 14.89
C LEU B 85 36.98 -6.89 15.47
N ASP B 86 38.29 -6.83 15.71
CA ASP B 86 38.87 -5.77 16.51
C ASP B 86 38.71 -4.39 15.87
N CYS B 87 38.55 -4.34 14.55
CA CYS B 87 38.17 -3.08 13.93
C CYS B 87 36.80 -2.63 14.40
N VAL B 88 35.83 -3.54 14.45
CA VAL B 88 34.50 -3.20 14.92
C VAL B 88 34.55 -2.82 16.39
N LEU B 89 35.36 -3.55 17.16
CA LEU B 89 35.46 -3.30 18.58
C LEU B 89 36.04 -1.93 18.86
N GLU B 90 37.10 -1.56 18.16
CA GLU B 90 37.67 -0.25 18.44
C GLU B 90 36.89 0.85 17.77
N ALA B 91 36.10 0.55 16.75
CA ALA B 91 35.18 1.55 16.23
C ALA B 91 34.12 1.89 17.27
N LEU B 92 33.56 0.87 17.91
CA LEU B 92 32.62 1.12 18.99
C LEU B 92 33.32 1.73 20.20
N ASP B 93 34.62 1.46 20.36
CA ASP B 93 35.37 2.07 21.45
C ASP B 93 35.54 3.56 21.24
N ARG B 94 35.90 3.98 20.02
CA ARG B 94 35.99 5.41 19.71
C ARG B 94 34.61 6.07 19.75
N MET B 95 33.58 5.32 19.38
CA MET B 95 32.21 5.77 19.55
C MET B 95 31.91 6.07 21.02
N ASP B 96 32.36 5.17 21.91
CA ASP B 96 32.23 5.41 23.35
C ASP B 96 33.12 6.56 23.80
N GLU B 97 34.23 6.79 23.11
CA GLU B 97 35.07 7.93 23.47
C GLU B 97 34.41 9.25 23.11
N GLU B 98 33.54 9.25 22.11
CA GLU B 98 32.69 10.42 21.91
C GLU B 98 31.42 10.35 22.73
N HIS B 99 31.15 9.23 23.41
CA HIS B 99 29.96 9.07 24.24
C HIS B 99 30.35 8.89 25.70
N PRO B 100 30.55 9.99 26.43
CA PRO B 100 30.99 9.87 27.83
C PRO B 100 29.88 9.34 28.74
N GLY B 101 30.04 8.09 29.16
CA GLY B 101 29.06 7.44 30.02
C GLY B 101 27.74 7.10 29.38
N LEU B 102 27.66 7.14 28.05
CA LEU B 102 26.40 6.78 27.41
C LEU B 102 26.21 5.28 27.37
N PHE B 103 27.30 4.51 27.36
CA PHE B 103 27.20 3.10 27.68
C PHE B 103 26.73 2.92 29.11
N GLN B 104 27.26 3.73 30.03
CA GLN B 104 26.80 3.72 31.41
C GLN B 104 25.35 4.14 31.50
N ALA B 105 24.96 5.13 30.69
CA ALA B 105 23.59 5.62 30.69
C ALA B 105 22.61 4.56 30.17
N ALA B 106 22.96 3.91 29.07
CA ALA B 106 22.09 2.89 28.50
C ALA B 106 22.03 1.65 29.37
N SER B 107 23.16 1.30 30.02
CA SER B 107 23.16 0.15 30.91
C SER B 107 22.29 0.42 32.12
N GLN B 108 22.39 1.61 32.71
CA GLN B 108 21.55 1.94 33.85
C GLN B 108 20.09 2.09 33.42
N ASN B 109 19.86 2.53 32.19
CA ASN B 109 18.49 2.66 31.69
C ASN B 109 17.84 1.30 31.52
N ALA B 110 18.57 0.34 30.96
CA ALA B 110 18.07 -1.02 30.93
C ALA B 110 18.01 -1.65 32.30
N MET B 111 18.86 -1.20 33.23
CA MET B 111 18.83 -1.72 34.59
C MET B 111 17.55 -1.31 35.31
N GLU B 112 17.16 -0.04 35.18
CA GLU B 112 15.88 0.37 35.77
C GLU B 112 14.70 -0.15 34.96
N ALA B 113 14.88 -0.36 33.65
CA ALA B 113 13.77 -0.81 32.82
C ALA B 113 13.49 -2.30 33.01
N LEU B 114 14.51 -3.08 33.35
CA LEU B 114 14.33 -4.53 33.37
C LEU B 114 13.68 -4.98 34.68
N MET B 115 13.79 -4.19 35.74
CA MET B 115 13.14 -4.55 37.00
C MET B 115 11.62 -4.46 36.91
N VAL B 116 11.10 -3.58 36.05
CA VAL B 116 9.66 -3.40 35.91
C VAL B 116 9.10 -4.22 34.75
N THR B 117 9.95 -5.03 34.12
CA THR B 117 9.51 -5.84 32.99
C THR B 117 8.55 -6.93 33.44
N THR B 118 7.30 -6.79 33.04
CA THR B 118 6.30 -7.84 33.17
C THR B 118 6.11 -8.49 31.81
N VAL B 119 5.12 -9.37 31.70
CA VAL B 119 4.89 -10.11 30.46
C VAL B 119 3.78 -9.44 29.68
N ASP B 120 3.60 -8.14 29.90
CA ASP B 120 2.48 -7.40 29.33
C ASP B 120 2.63 -7.20 27.82
N LYS B 121 3.85 -7.15 27.32
CA LYS B 121 4.12 -6.65 25.98
C LYS B 121 3.94 -7.72 24.90
N LEU B 122 3.12 -8.73 25.14
CA LEU B 122 2.95 -9.80 24.17
C LEU B 122 1.80 -9.55 23.20
N THR B 123 0.76 -8.82 23.62
CA THR B 123 -0.48 -8.80 22.86
C THR B 123 -0.39 -8.01 21.56
N GLN B 124 0.61 -7.16 21.39
CA GLN B 124 0.71 -6.31 20.20
C GLN B 124 1.48 -7.00 19.08
N GLY B 125 1.06 -8.23 18.76
CA GLY B 125 1.84 -9.11 17.93
C GLY B 125 1.14 -9.69 16.70
N ARG B 126 0.42 -8.83 15.94
CA ARG B 126 -0.50 -9.23 14.87
C ARG B 126 0.07 -10.25 13.88
N GLN B 127 1.39 -10.25 13.67
CA GLN B 127 2.09 -11.38 13.10
C GLN B 127 3.17 -11.79 14.10
N THR B 128 3.06 -13.01 14.62
CA THR B 128 4.03 -13.51 15.60
C THR B 128 4.03 -15.03 15.58
N PHE B 129 5.19 -15.62 15.38
CA PHE B 129 5.33 -17.07 15.39
C PHE B 129 5.12 -17.62 16.80
N ASP B 130 4.67 -18.85 16.87
CA ASP B 130 4.49 -19.59 18.09
C ASP B 130 5.42 -20.81 18.04
N TRP B 131 5.22 -21.76 18.95
CA TRP B 131 6.08 -22.93 19.00
C TRP B 131 5.38 -24.26 18.74
N THR B 132 4.05 -24.30 18.65
CA THR B 132 3.35 -25.56 18.45
C THR B 132 2.66 -25.66 17.10
N VAL B 133 1.90 -24.63 16.71
CA VAL B 133 1.08 -24.67 15.51
C VAL B 133 1.91 -24.64 14.23
N CYS B 134 3.20 -24.29 14.34
CA CYS B 134 4.22 -24.27 13.28
C CYS B 134 3.93 -23.19 12.23
N ARG B 135 2.96 -22.32 12.48
CA ARG B 135 2.63 -21.24 11.56
C ARG B 135 2.43 -19.96 12.37
N ASN B 136 1.98 -18.91 11.69
CA ASN B 136 1.86 -17.60 12.30
C ASN B 136 0.57 -17.47 13.09
N GLN B 137 0.63 -16.71 14.17
CA GLN B 137 -0.50 -16.32 14.99
C GLN B 137 -0.42 -14.82 15.23
N PRO B 138 -1.54 -14.18 15.58
CA PRO B 138 -1.44 -12.78 16.01
C PRO B 138 -1.17 -12.64 17.50
N ALA B 139 -0.25 -13.44 18.03
CA ALA B 139 0.17 -13.44 19.44
C ALA B 139 -1.00 -13.60 20.42
N ALA B 140 -2.09 -14.23 19.98
CA ALA B 140 -3.29 -14.29 20.79
C ALA B 140 -3.15 -15.33 21.89
N THR B 141 -3.01 -16.59 21.49
CA THR B 141 -2.80 -17.67 22.44
C THR B 141 -1.34 -17.93 22.71
N ALA B 142 -0.47 -16.94 22.48
CA ALA B 142 0.96 -17.14 22.63
C ALA B 142 1.34 -17.39 24.09
N LEU B 143 1.05 -16.41 24.95
CA LEU B 143 1.39 -16.53 26.37
C LEU B 143 0.56 -17.62 27.04
N ASN B 144 -0.68 -17.82 26.58
CA ASN B 144 -1.52 -18.88 27.13
C ASN B 144 -0.94 -20.26 26.79
N THR B 145 -0.39 -20.41 25.58
CA THR B 145 0.27 -21.66 25.23
C THR B 145 1.54 -21.85 26.04
N THR B 146 2.27 -20.76 26.33
CA THR B 146 3.43 -20.86 27.22
C THR B 146 3.01 -21.32 28.61
N ILE B 147 1.88 -20.82 29.10
CA ILE B 147 1.39 -21.23 30.41
C ILE B 147 0.99 -22.70 30.41
N THR B 148 0.16 -23.11 29.45
CA THR B 148 -0.31 -24.50 29.46
C THR B 148 0.74 -25.49 29.00
N SER B 149 1.87 -25.03 28.46
CA SER B 149 2.93 -25.93 28.05
C SER B 149 4.19 -25.80 28.87
N PHE B 150 4.24 -24.88 29.83
CA PHE B 150 5.39 -24.74 30.70
C PHE B 150 5.05 -24.85 32.18
N ARG B 151 3.84 -24.47 32.58
CA ARG B 151 3.51 -24.50 34.00
C ARG B 151 3.30 -25.92 34.52
N LEU B 152 3.06 -26.89 33.63
CA LEU B 152 3.14 -28.28 34.05
C LEU B 152 4.58 -28.79 34.10
N ASN B 153 5.52 -28.03 33.53
CA ASN B 153 6.94 -28.38 33.58
C ASN B 153 7.68 -27.52 34.60
N ASP B 154 6.99 -27.21 35.70
CA ASP B 154 7.46 -26.41 36.86
C ASP B 154 8.09 -25.07 36.48
N LEU B 155 7.68 -24.48 35.35
CA LEU B 155 7.97 -23.09 35.08
C LEU B 155 6.90 -22.22 35.71
N ASN B 156 7.34 -21.18 36.41
CA ASN B 156 6.45 -20.34 37.23
C ASN B 156 6.89 -18.88 37.10
N GLY B 157 6.26 -18.17 36.17
CA GLY B 157 6.52 -16.75 36.03
C GLY B 157 5.27 -15.89 36.11
N ALA B 158 4.14 -16.46 35.69
CA ALA B 158 2.89 -15.70 35.66
C ALA B 158 2.29 -15.56 37.05
N ASP B 159 2.68 -16.41 38.00
CA ASP B 159 2.27 -16.24 39.39
C ASP B 159 2.79 -14.94 39.97
N LYS B 160 4.00 -14.53 39.56
CA LYS B 160 4.45 -13.17 39.85
C LYS B 160 4.12 -12.21 38.73
N GLY B 161 3.91 -12.70 37.51
CA GLY B 161 3.57 -11.87 36.38
C GLY B 161 4.73 -11.14 35.74
N GLY B 162 5.92 -11.19 36.32
CA GLY B 162 7.05 -10.46 35.79
C GLY B 162 7.73 -11.19 34.64
N LEU B 163 8.40 -10.41 33.80
CA LEU B 163 9.14 -10.98 32.69
C LEU B 163 10.41 -11.66 33.18
N VAL B 164 10.97 -11.18 34.28
CA VAL B 164 12.27 -11.68 34.76
C VAL B 164 12.25 -13.12 35.27
N PRO B 165 11.26 -13.63 36.03
CA PRO B 165 11.28 -15.08 36.30
C PRO B 165 10.95 -15.90 35.07
N PHE B 166 10.16 -15.34 34.15
CA PHE B 166 9.83 -16.03 32.90
C PHE B 166 11.05 -16.22 32.05
N CYS B 167 11.89 -15.20 31.93
CA CYS B 167 13.09 -15.37 31.13
C CYS B 167 14.11 -16.23 31.86
N GLN B 168 14.13 -16.18 33.20
CA GLN B 168 15.04 -17.04 33.94
C GLN B 168 14.71 -18.52 33.75
N ASP B 169 13.44 -18.89 33.94
CA ASP B 169 13.16 -20.32 33.76
C ASP B 169 13.02 -20.71 32.29
N ILE B 170 12.95 -19.76 31.37
CA ILE B 170 12.98 -20.17 29.97
C ILE B 170 14.41 -20.30 29.45
N ILE B 171 15.38 -19.59 30.02
CA ILE B 171 16.77 -19.90 29.68
C ILE B 171 17.28 -21.06 30.51
N ASP B 172 16.56 -21.46 31.54
CA ASP B 172 16.79 -22.74 32.15
C ASP B 172 16.03 -23.87 31.48
N SER B 173 15.09 -23.55 30.58
CA SER B 173 14.16 -24.55 30.08
C SER B 173 14.79 -25.50 29.06
N LEU B 174 15.75 -25.01 28.28
CA LEU B 174 16.32 -25.86 27.24
C LEU B 174 17.25 -26.92 27.80
N ASP B 175 17.67 -26.80 29.04
CA ASP B 175 18.49 -27.82 29.67
C ASP B 175 17.67 -29.01 30.12
N LYS B 176 16.36 -28.92 30.09
CA LYS B 176 15.52 -30.06 30.46
C LYS B 176 15.56 -31.10 29.35
N PRO B 177 15.88 -32.37 29.66
CA PRO B 177 16.10 -33.36 28.60
C PRO B 177 14.82 -33.81 27.92
N GLU B 178 13.73 -33.89 28.68
CA GLU B 178 12.44 -34.26 28.16
C GLU B 178 11.48 -33.10 28.33
N MET B 179 10.29 -33.27 27.76
CA MET B 179 9.25 -32.24 27.84
C MET B 179 7.91 -32.92 27.61
N THR B 180 6.86 -32.30 28.16
CA THR B 180 5.52 -32.88 28.11
C THR B 180 4.52 -31.75 27.99
N PHE B 181 3.67 -31.80 26.97
CA PHE B 181 2.69 -30.74 26.77
C PHE B 181 1.55 -31.28 25.91
N PHE B 182 0.42 -30.56 25.98
CA PHE B 182 -0.74 -30.84 25.15
C PHE B 182 -0.66 -29.98 23.89
N SER B 183 -0.70 -30.62 22.74
CA SER B 183 -0.63 -29.89 21.48
C SER B 183 -2.00 -29.40 21.04
N VAL B 208 -4.18 -33.12 21.37
CA VAL B 208 -3.61 -34.28 22.04
C VAL B 208 -2.37 -33.86 22.82
N LYS B 209 -1.91 -34.74 23.71
CA LYS B 209 -0.66 -34.52 24.42
C LYS B 209 0.52 -34.79 23.50
N ASP B 210 1.71 -34.38 23.94
CA ASP B 210 2.93 -34.72 23.22
C ASP B 210 4.11 -34.69 24.17
N ARG B 211 4.99 -35.68 24.02
CA ARG B 211 6.26 -35.75 24.72
C ARG B 211 7.38 -35.92 23.70
N ILE B 212 8.44 -35.14 23.85
CA ILE B 212 9.62 -35.21 22.99
C ILE B 212 10.86 -35.08 23.86
N THR B 213 12.02 -35.26 23.24
CA THR B 213 13.27 -35.05 23.93
C THR B 213 13.83 -33.66 23.61
N ARG B 214 15.08 -33.42 24.00
CA ARG B 214 15.57 -32.06 24.18
C ARG B 214 15.80 -31.33 22.87
N VAL B 215 16.39 -32.01 21.88
CA VAL B 215 16.99 -31.30 20.76
C VAL B 215 15.92 -30.69 19.85
N GLU B 216 14.80 -31.39 19.66
CA GLU B 216 13.71 -30.81 18.88
C GLU B 216 12.94 -29.79 19.69
N TYR B 217 12.96 -29.92 21.02
CA TYR B 217 12.39 -28.87 21.86
C TYR B 217 13.19 -27.58 21.74
N ILE B 218 14.50 -27.71 21.49
CA ILE B 218 15.29 -26.54 21.17
C ILE B 218 14.95 -26.02 19.78
N LYS B 219 15.17 -26.86 18.75
CA LYS B 219 15.22 -26.34 17.39
C LYS B 219 13.85 -25.94 16.85
N ARG B 220 12.78 -26.54 17.38
CA ARG B 220 11.44 -26.10 17.01
C ARG B 220 11.16 -24.70 17.54
N ALA B 221 11.77 -24.34 18.67
CA ALA B 221 11.74 -22.97 19.13
C ALA B 221 12.77 -22.10 18.44
N LEU B 222 13.67 -22.71 17.68
CA LEU B 222 14.69 -21.91 17.01
C LEU B 222 14.24 -21.39 15.66
N SER B 223 13.47 -22.18 14.91
CA SER B 223 13.28 -21.93 13.49
C SER B 223 12.35 -20.75 13.21
N LEU B 224 12.64 -20.04 12.13
CA LEU B 224 11.86 -18.91 11.65
C LEU B 224 11.28 -19.24 10.29
N ASN B 225 9.96 -19.11 10.14
CA ASN B 225 9.33 -19.33 8.85
C ASN B 225 9.54 -18.11 7.97
N ALA B 242 9.34 -13.78 6.68
CA ALA B 242 10.26 -13.17 7.64
C ALA B 242 9.65 -13.13 9.02
N THR B 243 9.57 -14.29 9.66
CA THR B 243 8.92 -14.40 10.95
C THR B 243 9.87 -13.97 12.06
N ALA B 244 9.48 -14.25 13.29
CA ALA B 244 10.30 -13.96 14.47
C ALA B 244 10.09 -15.11 15.45
N GLY B 245 10.44 -14.91 16.71
CA GLY B 245 10.15 -15.89 17.73
C GLY B 245 9.61 -15.26 18.99
N ILE B 246 8.42 -15.67 19.42
CA ILE B 246 7.84 -15.15 20.66
C ILE B 246 8.65 -15.61 21.87
N GLN B 247 9.38 -16.71 21.74
CA GLN B 247 10.28 -17.15 22.78
C GLN B 247 11.51 -16.27 22.90
N ILE B 248 11.77 -15.42 21.91
CA ILE B 248 12.90 -14.50 21.95
C ILE B 248 12.46 -13.08 21.66
N ARG B 249 11.16 -12.87 21.54
CA ARG B 249 10.66 -11.55 21.19
C ARG B 249 10.87 -10.55 22.31
N GLY B 250 10.70 -11.00 23.56
CA GLY B 250 11.00 -10.13 24.69
C GLY B 250 12.47 -9.81 24.79
N PHE B 251 13.32 -10.79 24.46
CA PHE B 251 14.77 -10.60 24.55
C PHE B 251 15.23 -9.59 23.50
N VAL B 252 14.72 -9.72 22.28
CA VAL B 252 15.10 -8.78 21.24
C VAL B 252 14.44 -7.44 21.47
N LEU B 253 13.33 -7.40 22.22
CA LEU B 253 12.80 -6.11 22.64
C LEU B 253 13.71 -5.45 23.66
N VAL B 254 14.33 -6.25 24.54
CA VAL B 254 15.27 -5.71 25.52
C VAL B 254 16.46 -5.08 24.81
N VAL B 255 17.03 -5.81 23.85
CA VAL B 255 18.17 -5.26 23.13
C VAL B 255 17.73 -4.13 22.21
N GLU B 256 16.47 -4.14 21.77
CA GLU B 256 15.97 -3.08 20.90
C GLU B 256 15.82 -1.79 21.68
N ASN B 257 15.24 -1.83 22.87
CA ASN B 257 15.16 -0.61 23.66
C ASN B 257 16.51 -0.20 24.23
N LEU B 258 17.43 -1.15 24.39
CA LEU B 258 18.83 -0.80 24.62
C LEU B 258 19.36 0.07 23.49
N ALA B 259 19.11 -0.34 22.25
CA ALA B 259 19.54 0.44 21.11
C ALA B 259 18.81 1.75 21.02
N LYS B 260 17.55 1.78 21.48
CA LYS B 260 16.78 3.01 21.52
C LYS B 260 17.40 4.01 22.48
N ASN B 261 17.71 3.56 23.69
CA ASN B 261 18.37 4.41 24.67
C ASN B 261 19.77 4.80 24.21
N ILE B 262 20.41 3.95 23.42
CA ILE B 262 21.69 4.29 22.83
C ILE B 262 21.53 5.38 21.80
N CYS B 263 20.51 5.29 20.94
CA CYS B 263 20.47 6.03 19.69
C CYS B 263 19.72 7.33 19.76
N GLU B 264 18.68 7.42 20.61
CA GLU B 264 17.72 8.50 20.47
C GLU B 264 18.28 9.86 20.86
N ASN B 265 19.36 9.90 21.65
CA ASN B 265 20.01 11.13 22.02
C ASN B 265 21.14 11.51 21.08
N LEU B 266 21.33 10.78 19.99
CA LEU B 266 22.51 10.96 19.16
C LEU B 266 22.26 11.95 18.03
N GLU B 267 23.16 11.97 17.07
CA GLU B 267 23.24 13.02 16.08
C GLU B 267 23.26 12.44 14.67
N GLY B 296 37.45 26.65 -0.52
CA GLY B 296 38.66 25.93 -0.15
C GLY B 296 38.47 24.43 -0.15
N GLY B 297 37.96 23.91 0.96
CA GLY B 297 37.67 22.49 1.06
C GLY B 297 36.49 22.10 0.18
N ILE B 298 36.77 21.41 -0.93
CA ILE B 298 35.73 21.06 -1.87
C ILE B 298 34.91 19.91 -1.29
N SER B 299 33.58 20.04 -1.39
CA SER B 299 32.66 19.07 -0.82
C SER B 299 31.88 18.41 -1.96
N MET B 300 32.30 17.22 -2.33
CA MET B 300 31.39 16.35 -3.04
C MET B 300 30.41 15.74 -2.05
N THR B 301 29.31 15.20 -2.58
CA THR B 301 28.34 14.53 -1.73
C THR B 301 27.68 13.41 -2.52
N VAL B 302 27.11 12.45 -1.79
CA VAL B 302 26.51 11.27 -2.37
C VAL B 302 25.12 11.10 -1.79
N THR B 303 24.43 10.08 -2.28
CA THR B 303 23.18 9.60 -1.71
C THR B 303 22.98 8.17 -2.18
N GLY B 304 22.80 7.24 -1.25
CA GLY B 304 22.59 5.87 -1.67
C GLY B 304 22.20 4.99 -0.50
N ASP B 305 21.70 3.82 -0.85
CA ASP B 305 21.36 2.77 0.10
C ASP B 305 22.44 1.68 0.05
N ASN B 306 22.18 0.56 0.72
CA ASN B 306 23.17 -0.50 0.83
C ASN B 306 22.54 -1.84 0.46
N THR B 307 23.20 -2.57 -0.43
CA THR B 307 22.64 -3.79 -1.00
C THR B 307 22.89 -4.98 -0.09
N LYS B 308 21.96 -5.94 -0.17
CA LYS B 308 21.97 -7.21 0.60
C LYS B 308 22.11 -6.94 2.08
N TRP B 309 21.40 -5.91 2.53
CA TRP B 309 21.68 -5.28 3.82
C TRP B 309 21.29 -6.16 4.98
N ASN B 310 20.15 -6.80 4.89
CA ASN B 310 19.85 -7.89 5.81
C ASN B 310 20.74 -9.08 5.53
N GLU B 311 21.03 -9.32 4.26
CA GLU B 311 21.59 -10.58 3.82
C GLU B 311 23.11 -10.60 3.88
N CYS B 312 23.73 -9.65 4.58
CA CYS B 312 25.18 -9.66 4.67
C CYS B 312 25.74 -9.36 6.05
N LEU B 313 24.91 -9.06 7.04
CA LEU B 313 25.43 -8.85 8.39
C LEU B 313 25.49 -10.18 9.13
N ASN B 314 25.78 -10.12 10.44
CA ASN B 314 26.14 -11.33 11.17
C ASN B 314 25.94 -11.12 12.67
N PRO B 315 25.54 -12.18 13.39
CA PRO B 315 25.25 -12.03 14.82
C PRO B 315 26.47 -11.93 15.71
N ARG B 316 27.64 -12.37 15.25
CA ARG B 316 28.81 -12.35 16.11
C ARG B 316 29.26 -10.93 16.37
N ILE B 317 29.11 -10.07 15.37
CA ILE B 317 29.40 -8.66 15.54
C ILE B 317 28.39 -8.02 16.49
N PHE B 318 27.13 -8.49 16.45
CA PHE B 318 26.13 -8.04 17.40
C PHE B 318 26.52 -8.40 18.84
N LEU B 319 27.02 -9.62 19.04
CA LEU B 319 27.35 -10.04 20.39
C LEU B 319 28.57 -9.30 20.92
N ALA B 320 29.56 -9.09 20.06
CA ALA B 320 30.72 -8.32 20.49
C ALA B 320 30.34 -6.88 20.79
N MET B 321 29.37 -6.34 20.05
CA MET B 321 28.85 -5.00 20.33
C MET B 321 28.21 -4.94 21.70
N THR B 322 27.24 -5.81 21.96
CA THR B 322 26.54 -5.76 23.24
C THR B 322 27.41 -6.16 24.41
N GLU B 323 28.49 -6.91 24.19
CA GLU B 323 29.40 -7.18 25.29
C GLU B 323 30.35 -6.02 25.51
N ARG B 324 30.63 -5.24 24.46
CA ARG B 324 31.38 -4.01 24.67
C ARG B 324 30.55 -3.02 25.47
N ILE B 325 29.23 -3.00 25.25
CA ILE B 325 28.39 -2.08 26.01
C ILE B 325 28.29 -2.48 27.48
N THR B 326 28.13 -3.77 27.74
CA THR B 326 27.84 -4.24 29.10
C THR B 326 29.10 -4.45 29.95
N ARG B 327 30.28 -4.05 29.46
CA ARG B 327 31.53 -4.35 30.15
C ARG B 327 31.71 -3.58 31.45
N ASP B 328 30.87 -2.57 31.70
CA ASP B 328 30.87 -1.85 32.97
C ASP B 328 29.62 -2.13 33.78
N SER B 329 28.73 -2.98 33.27
CA SER B 329 27.49 -3.33 33.94
C SER B 329 27.74 -4.41 34.98
N PRO B 330 26.79 -4.67 35.87
CA PRO B 330 26.92 -5.82 36.76
C PRO B 330 26.83 -7.15 36.01
N ILE B 331 27.18 -8.21 36.73
CA ILE B 331 27.48 -9.51 36.15
C ILE B 331 26.22 -10.16 35.58
N TRP B 332 25.07 -9.91 36.21
CA TRP B 332 23.82 -10.50 35.73
C TRP B 332 23.42 -9.94 34.37
N PHE B 333 23.79 -8.69 34.08
CA PHE B 333 23.42 -8.11 32.80
C PHE B 333 24.23 -8.75 31.67
N ARG B 334 25.55 -8.94 31.88
CA ARG B 334 26.36 -9.64 30.90
C ARG B 334 25.98 -11.11 30.81
N ASP B 335 25.43 -11.67 31.89
CA ASP B 335 24.83 -12.99 31.81
C ASP B 335 23.58 -12.97 30.93
N PHE B 336 22.84 -11.87 30.93
CA PHE B 336 21.56 -11.82 30.26
C PHE B 336 21.57 -11.11 28.92
N CYS B 337 22.39 -10.08 28.75
CA CYS B 337 22.41 -9.36 27.48
C CYS B 337 23.11 -10.14 26.38
N SER B 338 23.87 -11.17 26.72
CA SER B 338 24.63 -11.94 25.77
C SER B 338 23.87 -13.17 25.29
N ILE B 339 22.55 -13.08 25.17
CA ILE B 339 21.73 -14.21 24.79
C ILE B 339 21.09 -14.01 23.43
N ALA B 340 20.70 -12.78 23.08
CA ALA B 340 19.99 -12.55 21.83
C ALA B 340 20.88 -12.76 20.59
N PRO B 341 22.13 -12.30 20.53
CA PRO B 341 22.98 -12.75 19.43
C PRO B 341 23.41 -14.20 19.56
N VAL B 342 23.29 -14.84 20.72
CA VAL B 342 23.52 -16.28 20.75
C VAL B 342 22.43 -17.02 19.98
N LEU B 343 21.18 -16.64 20.19
CA LEU B 343 20.14 -17.35 19.47
C LEU B 343 20.05 -16.90 18.03
N PHE B 344 20.45 -15.66 17.72
CA PHE B 344 20.66 -15.35 16.32
C PHE B 344 21.96 -15.90 15.77
N SER B 345 22.78 -16.53 16.58
CA SER B 345 23.96 -17.20 16.08
C SER B 345 23.69 -18.65 15.75
N ASN B 346 22.45 -19.10 15.81
CA ASN B 346 22.12 -20.43 15.32
C ASN B 346 20.79 -20.45 14.61
N LYS B 347 20.39 -19.34 14.00
CA LYS B 347 19.04 -19.24 13.48
C LYS B 347 18.87 -20.12 12.27
N ILE B 348 17.94 -21.07 12.36
CA ILE B 348 17.61 -21.96 11.26
C ILE B 348 16.67 -21.19 10.35
N ALA B 349 16.42 -21.69 9.15
CA ALA B 349 15.50 -21.03 8.24
C ALA B 349 14.59 -22.07 7.61
N ARG B 350 13.30 -21.76 7.59
CA ARG B 350 12.31 -22.64 6.98
C ARG B 350 12.27 -22.37 5.48
N LEU B 351 12.15 -23.45 4.72
CA LEU B 351 12.33 -23.37 3.27
C LEU B 351 10.99 -23.23 2.58
N GLY B 352 10.30 -22.12 2.87
CA GLY B 352 9.14 -21.64 2.15
C GLY B 352 8.00 -22.60 1.93
N LYS B 353 7.32 -22.49 0.80
CA LYS B 353 6.31 -23.49 0.43
C LYS B 353 6.94 -24.59 -0.40
N GLY B 354 7.48 -24.24 -1.56
CA GLY B 354 8.04 -25.21 -2.48
C GLY B 354 7.88 -24.72 -3.91
N PHE B 355 8.07 -25.65 -4.85
CA PHE B 355 7.86 -25.41 -6.27
C PHE B 355 7.06 -26.56 -6.85
N MET B 356 6.91 -26.60 -8.18
CA MET B 356 6.13 -27.66 -8.78
C MET B 356 6.73 -28.09 -10.10
N ILE B 357 6.11 -29.12 -10.67
CA ILE B 357 6.54 -29.81 -11.88
C ILE B 357 5.31 -30.07 -12.74
N THR B 358 5.52 -30.63 -13.92
CA THR B 358 4.44 -30.71 -14.90
C THR B 358 4.58 -31.93 -15.80
N SER B 359 3.52 -32.73 -15.89
CA SER B 359 3.36 -33.75 -16.93
C SER B 359 2.39 -33.19 -17.96
N LYS B 360 2.94 -32.68 -19.08
CA LYS B 360 2.13 -31.98 -20.06
C LYS B 360 1.20 -32.89 -20.84
N THR B 361 1.37 -34.20 -20.76
CA THR B 361 0.45 -35.14 -21.39
C THR B 361 -0.38 -35.93 -20.39
N LYS B 362 0.24 -36.41 -19.31
CA LYS B 362 -0.48 -37.22 -18.34
C LYS B 362 -1.44 -36.39 -17.49
N ARG B 363 -1.17 -35.09 -17.36
CA ARG B 363 -2.08 -34.10 -16.77
C ARG B 363 -2.38 -34.38 -15.30
N LEU B 364 -1.42 -34.94 -14.59
CA LEU B 364 -1.49 -35.09 -13.14
C LEU B 364 -0.29 -34.39 -12.51
N LYS B 365 -0.52 -33.71 -11.39
CA LYS B 365 0.53 -32.96 -10.71
C LYS B 365 0.67 -33.44 -9.27
N ALA B 366 1.64 -32.85 -8.58
CA ALA B 366 1.89 -33.09 -7.17
C ALA B 366 2.45 -31.80 -6.58
N GLN B 367 3.05 -31.90 -5.40
CA GLN B 367 3.63 -30.73 -4.75
C GLN B 367 4.77 -31.16 -3.85
N ILE B 368 5.99 -30.75 -4.19
CA ILE B 368 7.16 -30.99 -3.34
C ILE B 368 7.20 -29.88 -2.31
N PRO B 369 7.02 -30.18 -1.03
CA PRO B 369 6.86 -29.13 -0.03
C PRO B 369 8.17 -28.60 0.49
N CYS B 370 8.10 -27.75 1.51
CA CYS B 370 9.25 -27.23 2.25
C CYS B 370 10.33 -28.24 2.66
N PRO B 371 10.04 -29.37 3.34
CA PRO B 371 11.15 -30.10 3.94
C PRO B 371 11.85 -31.10 3.04
N ASP B 372 11.32 -31.41 1.86
CA ASP B 372 11.78 -32.60 1.15
C ASP B 372 12.23 -32.25 -0.24
N LEU B 373 13.08 -31.23 -0.33
CA LEU B 373 13.49 -30.72 -1.63
C LEU B 373 14.43 -31.69 -2.34
N PHE B 374 15.57 -32.01 -1.72
CA PHE B 374 16.56 -32.84 -2.38
C PHE B 374 16.11 -34.30 -2.51
N SER B 375 15.17 -34.74 -1.70
CA SER B 375 14.69 -36.11 -1.76
C SER B 375 13.80 -36.27 -2.98
N ILE B 376 14.45 -36.44 -4.14
CA ILE B 376 13.81 -36.33 -5.45
C ILE B 376 14.82 -36.82 -6.48
N PRO B 377 14.42 -37.14 -7.71
CA PRO B 377 15.40 -37.15 -8.80
C PRO B 377 15.90 -35.74 -9.09
N LEU B 378 17.16 -35.46 -8.72
CA LEU B 378 17.67 -34.09 -8.79
C LEU B 378 17.85 -33.61 -10.23
N GLU B 379 17.92 -34.54 -11.17
CA GLU B 379 17.96 -34.23 -12.59
C GLU B 379 16.58 -33.85 -13.14
N ARG B 380 15.51 -34.13 -12.40
CA ARG B 380 14.15 -33.93 -12.90
C ARG B 380 13.58 -32.58 -12.53
N TYR B 381 14.43 -31.58 -12.35
CA TYR B 381 14.01 -30.21 -12.13
C TYR B 381 14.37 -29.41 -13.37
N ASN B 382 14.23 -28.10 -13.33
CA ASN B 382 14.62 -27.31 -14.49
C ASN B 382 16.12 -27.02 -14.42
N GLU B 383 16.57 -26.08 -15.24
CA GLU B 383 17.94 -25.60 -15.10
C GLU B 383 18.09 -24.74 -13.86
N GLU B 384 17.05 -23.99 -13.48
CA GLU B 384 17.23 -22.94 -12.49
C GLU B 384 17.22 -23.51 -11.07
N THR B 385 16.25 -24.36 -10.76
CA THR B 385 16.23 -24.99 -9.44
C THR B 385 17.41 -25.91 -9.24
N ARG B 386 17.83 -26.62 -10.29
CA ARG B 386 19.01 -27.48 -10.17
C ARG B 386 20.27 -26.64 -10.02
N ALA B 387 20.36 -25.54 -10.76
CA ALA B 387 21.52 -24.66 -10.68
C ALA B 387 21.58 -23.90 -9.37
N LYS B 388 20.46 -23.74 -8.67
CA LYS B 388 20.51 -23.16 -7.33
C LYS B 388 20.83 -24.21 -6.28
N LEU B 389 20.25 -25.41 -6.38
CA LEU B 389 20.48 -26.43 -5.37
C LEU B 389 21.91 -26.95 -5.42
N LYS B 390 22.53 -26.96 -6.60
CA LYS B 390 23.91 -27.42 -6.73
C LYS B 390 24.90 -26.54 -5.99
N LYS B 391 24.52 -25.29 -5.70
CA LYS B 391 25.29 -24.45 -4.79
C LYS B 391 24.73 -24.47 -3.38
N LEU B 392 23.45 -24.80 -3.22
CA LEU B 392 22.86 -24.77 -1.87
C LEU B 392 23.35 -25.92 -1.01
N LYS B 393 23.24 -27.15 -1.51
CA LYS B 393 23.28 -28.43 -0.80
C LYS B 393 24.27 -28.62 0.37
N PRO B 394 25.52 -28.07 0.35
CA PRO B 394 26.38 -28.26 1.53
C PRO B 394 26.06 -27.43 2.77
N PHE B 395 24.87 -26.84 2.88
CA PHE B 395 24.41 -26.22 4.12
C PHE B 395 23.01 -26.68 4.48
N PHE B 396 22.68 -27.92 4.11
CA PHE B 396 21.33 -28.42 4.18
C PHE B 396 21.20 -29.44 5.31
N ASN B 397 20.44 -29.06 6.33
CA ASN B 397 19.98 -30.01 7.32
C ASN B 397 19.10 -31.07 6.66
N GLU B 398 19.26 -32.31 7.11
CA GLU B 398 18.48 -33.40 6.56
C GLU B 398 17.01 -33.35 6.95
N GLU B 399 16.66 -32.57 7.97
CA GLU B 399 15.25 -32.40 8.35
C GLU B 399 14.69 -31.07 7.88
N GLY B 400 15.08 -30.66 6.67
CA GLY B 400 14.24 -29.79 5.87
C GLY B 400 14.22 -28.34 6.25
N THR B 401 15.20 -27.87 7.00
CA THR B 401 15.29 -26.44 7.30
C THR B 401 16.77 -26.07 7.42
N ALA B 402 17.25 -25.31 6.45
CA ALA B 402 18.67 -25.02 6.37
C ALA B 402 19.02 -23.84 7.26
N SER B 403 20.19 -23.91 7.88
CA SER B 403 20.61 -22.93 8.87
C SER B 403 21.47 -21.88 8.21
N LEU B 404 21.32 -20.64 8.66
CA LEU B 404 22.05 -19.51 8.12
C LEU B 404 22.75 -18.82 9.28
N SER B 405 24.03 -19.04 9.39
CA SER B 405 24.75 -18.52 10.54
C SER B 405 25.00 -17.01 10.46
N PRO B 406 25.18 -16.40 9.28
CA PRO B 406 24.90 -14.96 9.22
C PRO B 406 23.47 -14.70 8.81
N GLY B 407 23.09 -13.43 8.67
CA GLY B 407 21.76 -13.11 8.17
C GLY B 407 20.94 -12.20 9.06
N MET B 408 19.98 -11.48 8.47
CA MET B 408 19.06 -10.68 9.27
C MET B 408 17.60 -10.75 8.85
N MET B 409 17.29 -11.06 7.58
CA MET B 409 15.96 -11.50 7.12
C MET B 409 14.88 -10.43 7.33
N MET B 410 14.97 -9.39 6.50
CA MET B 410 13.99 -8.30 6.36
C MET B 410 13.94 -7.37 7.56
N GLY B 411 14.86 -7.49 8.50
CA GLY B 411 15.02 -6.44 9.48
C GLY B 411 14.19 -6.63 10.72
N MET B 412 14.85 -6.99 11.81
CA MET B 412 14.23 -6.90 13.11
C MET B 412 15.20 -6.41 14.17
N PHE B 413 16.41 -6.04 13.79
CA PHE B 413 17.37 -5.37 14.65
C PHE B 413 17.65 -3.98 14.11
N ASN B 414 16.58 -3.29 13.70
CA ASN B 414 16.69 -2.16 12.79
C ASN B 414 17.41 -0.99 13.43
N MET B 415 16.99 -0.58 14.63
CA MET B 415 17.74 0.47 15.31
C MET B 415 19.08 -0.04 15.78
N LEU B 416 19.21 -1.33 16.05
CA LEU B 416 20.51 -1.87 16.46
C LEU B 416 21.49 -1.88 15.31
N SER B 417 21.03 -2.31 14.14
CA SER B 417 21.87 -2.22 12.96
C SER B 417 22.12 -0.77 12.57
N THR B 418 21.20 0.12 12.91
CA THR B 418 21.42 1.55 12.73
C THR B 418 22.53 2.05 13.64
N VAL B 419 22.58 1.54 14.87
CA VAL B 419 23.69 1.85 15.77
C VAL B 419 25.01 1.40 15.18
N LEU B 420 25.02 0.18 14.61
CA LEU B 420 26.23 -0.32 13.94
C LEU B 420 26.63 0.57 12.76
N GLY B 421 25.64 1.04 12.00
CA GLY B 421 25.94 1.84 10.83
C GLY B 421 26.45 3.23 11.18
N VAL B 422 25.85 3.86 12.18
CA VAL B 422 26.31 5.18 12.57
C VAL B 422 27.65 5.06 13.27
N ALA B 423 27.94 3.91 13.87
CA ALA B 423 29.28 3.65 14.35
C ALA B 423 30.26 3.53 13.21
N ALA B 424 29.82 2.94 12.10
CA ALA B 424 30.68 2.86 10.91
C ALA B 424 30.94 4.24 10.34
N LEU B 425 29.97 5.13 10.45
CA LEU B 425 30.15 6.49 9.95
C LEU B 425 31.09 7.28 10.86
N GLY B 426 31.04 7.01 12.16
CA GLY B 426 31.74 7.86 13.11
C GLY B 426 33.25 7.76 13.13
N ILE B 427 33.89 7.02 12.22
CA ILE B 427 35.34 6.92 12.26
C ILE B 427 35.99 8.21 11.75
N LYS B 428 35.44 8.78 10.67
CA LYS B 428 35.66 10.14 10.19
C LYS B 428 37.06 10.41 9.64
N ASN B 429 38.00 9.48 9.72
CA ASN B 429 39.35 9.64 9.19
C ASN B 429 40.05 8.29 9.21
N ILE B 430 40.91 8.07 8.23
CA ILE B 430 41.89 6.99 8.28
C ILE B 430 43.15 7.46 7.55
N GLY B 431 44.31 7.20 8.14
CA GLY B 431 45.58 7.55 7.54
C GLY B 431 45.95 9.01 7.62
N ASN B 432 45.04 9.88 8.04
CA ASN B 432 45.23 11.33 8.17
C ASN B 432 45.67 11.97 6.86
N LYS B 433 44.81 11.83 5.85
CA LYS B 433 45.03 12.48 4.58
C LYS B 433 44.32 13.84 4.62
N GLU B 434 44.16 14.47 3.47
CA GLU B 434 43.72 15.86 3.39
C GLU B 434 42.21 15.96 3.17
N TYR B 435 41.50 15.08 3.85
CA TYR B 435 40.06 14.86 3.68
C TYR B 435 39.41 14.74 5.06
N LEU B 436 38.09 14.91 5.09
CA LEU B 436 37.33 14.71 6.31
C LEU B 436 35.87 14.48 5.95
N TRP B 437 35.17 13.72 6.80
CA TRP B 437 33.77 13.41 6.57
C TRP B 437 32.90 14.08 7.61
N ASP B 438 31.71 14.51 7.19
CA ASP B 438 30.70 15.01 8.11
C ASP B 438 29.34 14.49 7.71
N GLY B 439 29.27 13.23 7.30
CA GLY B 439 28.00 12.64 6.93
C GLY B 439 27.08 12.48 8.12
N LEU B 440 25.80 12.44 7.82
CA LEU B 440 24.78 12.37 8.86
C LEU B 440 24.19 10.96 8.93
N GLN B 441 23.60 10.66 10.07
CA GLN B 441 22.98 9.35 10.24
C GLN B 441 21.70 9.26 9.43
N SER B 442 21.29 8.02 9.16
CA SER B 442 19.97 7.69 8.65
C SER B 442 19.73 6.22 8.94
N SER B 443 18.78 5.63 8.22
CA SER B 443 18.51 4.20 8.20
C SER B 443 19.58 3.48 7.39
N ASP B 444 19.21 2.33 6.79
CA ASP B 444 20.13 1.65 5.89
C ASP B 444 20.61 2.51 4.72
N ASP B 445 19.89 3.56 4.34
CA ASP B 445 20.41 4.55 3.39
C ASP B 445 21.22 5.61 4.13
N PHE B 446 21.85 6.51 3.38
CA PHE B 446 22.73 7.49 4.02
C PHE B 446 22.86 8.71 3.11
N ALA B 447 23.78 9.60 3.49
CA ALA B 447 24.27 10.71 2.68
C ALA B 447 25.56 11.24 3.28
N LEU B 448 26.61 11.35 2.49
CA LEU B 448 27.91 11.79 2.99
C LEU B 448 28.12 13.28 2.79
N PHE B 449 29.12 13.80 3.49
CA PHE B 449 29.59 15.18 3.36
C PHE B 449 31.12 15.13 3.49
N VAL B 450 31.79 15.01 2.36
CA VAL B 450 33.22 14.75 2.33
C VAL B 450 33.95 16.06 2.09
N ASN B 451 34.67 16.53 3.09
CA ASN B 451 35.42 17.78 3.00
C ASN B 451 36.89 17.43 2.74
N ALA B 452 37.33 17.62 1.49
CA ALA B 452 38.68 17.28 1.09
C ALA B 452 39.32 18.45 0.35
N LYS B 453 40.56 18.27 -0.08
CA LYS B 453 41.35 19.40 -0.59
C LYS B 453 41.05 19.72 -2.05
N ASP B 454 41.35 18.80 -2.95
CA ASP B 454 40.98 18.94 -4.36
C ASP B 454 40.01 17.82 -4.70
N GLU B 455 39.62 17.75 -5.97
CA GLU B 455 38.66 16.75 -6.39
C GLU B 455 39.26 15.34 -6.33
N GLU B 456 40.56 15.22 -6.59
CA GLU B 456 41.22 13.92 -6.47
C GLU B 456 41.29 13.46 -5.03
N THR B 457 41.42 14.40 -4.08
CA THR B 457 41.33 14.00 -2.69
C THR B 457 39.94 13.51 -2.34
N CYS B 458 38.90 14.07 -2.97
CA CYS B 458 37.56 13.52 -2.80
C CYS B 458 37.47 12.12 -3.38
N MET B 459 38.18 11.88 -4.49
CA MET B 459 38.15 10.56 -5.11
C MET B 459 38.79 9.51 -4.21
N GLU B 460 39.98 9.80 -3.70
CA GLU B 460 40.63 8.84 -2.83
C GLU B 460 39.92 8.72 -1.49
N GLY B 461 39.31 9.80 -0.99
CA GLY B 461 38.57 9.71 0.26
C GLY B 461 37.31 8.88 0.13
N ILE B 462 36.62 8.97 -1.01
CA ILE B 462 35.46 8.11 -1.23
C ILE B 462 35.91 6.67 -1.41
N ASN B 463 37.08 6.47 -2.04
CA ASN B 463 37.65 5.13 -2.17
C ASN B 463 37.92 4.51 -0.80
N ASP B 464 38.62 5.24 0.07
CA ASP B 464 38.91 4.62 1.35
C ASP B 464 37.71 4.61 2.27
N PHE B 465 36.70 5.44 2.04
CA PHE B 465 35.45 5.28 2.79
C PHE B 465 34.76 3.99 2.41
N TYR B 466 34.75 3.67 1.12
CA TYR B 466 34.15 2.41 0.68
C TYR B 466 34.92 1.23 1.19
N ARG B 467 36.24 1.35 1.27
CA ARG B 467 37.04 0.26 1.80
C ARG B 467 36.82 0.08 3.30
N THR B 468 36.74 1.18 4.06
CA THR B 468 36.52 1.07 5.49
C THR B 468 35.12 0.57 5.80
N CYS B 469 34.13 0.99 5.03
CA CYS B 469 32.79 0.46 5.21
C CYS B 469 32.73 -0.99 4.78
N LYS B 470 33.56 -1.38 3.84
CA LYS B 470 33.71 -2.78 3.49
C LYS B 470 34.33 -3.57 4.61
N LEU B 471 35.12 -2.93 5.48
CA LEU B 471 35.79 -3.68 6.55
C LEU B 471 34.81 -4.16 7.64
N LEU B 472 33.58 -3.68 7.64
CA LEU B 472 32.63 -4.05 8.69
C LEU B 472 31.52 -4.95 8.18
N GLY B 473 31.77 -5.70 7.11
CA GLY B 473 30.74 -6.56 6.58
C GLY B 473 29.59 -5.84 5.92
N ILE B 474 29.80 -4.60 5.52
CA ILE B 474 28.77 -3.75 4.94
C ILE B 474 29.17 -3.50 3.49
N ASN B 475 28.19 -3.31 2.62
CA ASN B 475 28.45 -3.09 1.21
C ASN B 475 27.65 -1.90 0.71
N MET B 476 28.31 -0.98 0.01
CA MET B 476 27.66 0.19 -0.55
C MET B 476 27.18 -0.09 -1.96
N SER B 477 25.92 0.26 -2.25
CA SER B 477 25.35 0.02 -3.57
C SER B 477 25.84 1.07 -4.55
N LYS B 478 26.60 0.63 -5.56
CA LYS B 478 27.09 1.55 -6.57
C LYS B 478 26.13 1.69 -7.74
N LYS B 479 24.97 1.05 -7.68
CA LYS B 479 23.99 1.07 -8.77
C LYS B 479 22.88 2.07 -8.56
N LYS B 480 22.52 2.34 -7.31
CA LYS B 480 21.39 3.19 -7.00
C LYS B 480 21.82 4.48 -6.31
N SER B 481 22.94 5.03 -6.75
CA SER B 481 23.49 6.20 -6.09
C SER B 481 23.89 7.24 -7.12
N TYR B 482 24.13 8.46 -6.65
CA TYR B 482 24.56 9.53 -7.54
C TYR B 482 25.40 10.53 -6.74
N CYS B 483 26.71 10.44 -6.91
CA CYS B 483 27.59 11.48 -6.42
C CYS B 483 27.45 12.70 -7.29
N ASN B 484 27.68 13.87 -6.70
CA ASN B 484 27.48 15.12 -7.40
C ASN B 484 28.18 16.25 -6.65
N GLU B 485 28.26 17.40 -7.32
CA GLU B 485 28.70 18.64 -6.71
C GLU B 485 27.71 19.05 -5.63
N THR B 486 28.20 19.83 -4.66
CA THR B 486 27.39 20.21 -3.51
C THR B 486 26.23 21.12 -3.90
N GLY B 487 25.14 20.99 -3.17
CA GLY B 487 23.94 21.76 -3.45
C GLY B 487 22.67 21.01 -3.06
N PHE B 511 -8.75 0.35 -0.25
CA PHE B 511 -8.37 1.69 0.17
C PHE B 511 -9.58 2.61 0.08
N GLY B 512 -10.69 2.06 -0.40
CA GLY B 512 -11.90 2.83 -0.54
C GLY B 512 -12.64 2.96 0.78
N VAL B 513 -13.95 2.69 0.78
CA VAL B 513 -14.71 2.81 2.00
C VAL B 513 -14.39 1.62 2.91
N ALA B 514 -14.48 1.85 4.23
CA ALA B 514 -14.03 0.82 5.16
C ALA B 514 -15.05 -0.31 5.29
N GLY B 515 -16.29 0.00 5.65
CA GLY B 515 -17.30 -1.03 5.68
C GLY B 515 -17.47 -1.81 6.97
N VAL B 516 -17.80 -1.13 8.07
CA VAL B 516 -18.20 -1.85 9.27
C VAL B 516 -19.56 -1.39 9.76
N ASN B 517 -19.95 -0.16 9.43
CA ASN B 517 -21.23 0.40 9.84
C ASN B 517 -21.56 1.55 8.88
N GLU B 518 -22.48 2.41 9.26
CA GLU B 518 -22.70 3.63 8.51
C GLU B 518 -21.90 4.81 9.07
N SER B 519 -22.16 5.16 10.32
CA SER B 519 -21.73 6.44 10.86
C SER B 519 -20.22 6.48 11.09
N ALA B 520 -19.69 5.46 11.75
CA ALA B 520 -18.26 5.38 11.94
C ALA B 520 -17.52 5.10 10.65
N ASP B 521 -18.19 4.53 9.64
CA ASP B 521 -17.59 4.43 8.32
C ASP B 521 -17.35 5.81 7.72
N MET B 522 -18.38 6.66 7.80
CA MET B 522 -18.24 8.06 7.41
C MET B 522 -17.11 8.74 8.18
N ALA B 523 -17.07 8.50 9.48
CA ALA B 523 -16.06 9.14 10.32
C ALA B 523 -14.65 8.65 9.98
N ILE B 524 -14.49 7.36 9.70
CA ILE B 524 -13.15 6.85 9.48
C ILE B 524 -12.65 7.28 8.13
N GLY B 525 -13.53 7.36 7.13
CA GLY B 525 -13.10 7.88 5.84
C GLY B 525 -12.70 9.33 5.91
N MET B 526 -13.46 10.11 6.69
CA MET B 526 -13.10 11.51 6.81
C MET B 526 -11.82 11.71 7.61
N THR B 527 -11.54 10.86 8.60
CA THR B 527 -10.29 11.09 9.30
C THR B 527 -9.09 10.55 8.53
N ILE B 528 -9.28 9.55 7.68
CA ILE B 528 -8.18 9.13 6.79
C ILE B 528 -7.82 10.27 5.85
N ILE B 529 -8.82 10.89 5.23
CA ILE B 529 -8.52 12.01 4.34
C ILE B 529 -8.00 13.21 5.14
N LYS B 530 -8.42 13.34 6.40
CA LYS B 530 -7.94 14.42 7.25
C LYS B 530 -6.44 14.29 7.53
N ASN B 531 -6.02 13.12 8.02
CA ASN B 531 -4.61 12.95 8.35
C ASN B 531 -3.74 12.90 7.10
N ASN B 532 -4.27 12.35 6.00
CA ASN B 532 -3.54 12.37 4.74
C ASN B 532 -3.37 13.78 4.22
N MET B 533 -4.30 14.68 4.53
CA MET B 533 -4.07 16.07 4.21
C MET B 533 -3.00 16.67 5.10
N ILE B 534 -3.00 16.32 6.39
CA ILE B 534 -2.12 17.07 7.26
C ILE B 534 -0.67 16.60 7.21
N ASN B 535 -0.40 15.33 6.88
CA ASN B 535 0.98 14.87 7.06
C ASN B 535 1.87 15.25 5.87
N ASN B 536 1.57 14.74 4.67
CA ASN B 536 2.50 14.80 3.55
C ASN B 536 2.21 15.94 2.60
N GLY B 537 1.29 16.83 2.94
CA GLY B 537 0.99 17.96 2.09
C GLY B 537 0.25 17.57 0.82
N MET B 538 -0.85 16.85 0.96
CA MET B 538 -1.74 16.66 -0.17
C MET B 538 -2.41 17.98 -0.50
N GLY B 539 -2.43 18.34 -1.78
CA GLY B 539 -3.04 19.57 -2.23
C GLY B 539 -4.52 19.57 -1.99
N PRO B 540 -5.08 20.75 -1.70
CA PRO B 540 -6.47 20.82 -1.24
C PRO B 540 -7.49 20.45 -2.29
N ALA B 541 -7.17 20.64 -3.57
CA ALA B 541 -8.09 20.21 -4.60
C ALA B 541 -8.16 18.70 -4.67
N THR B 542 -7.05 18.02 -4.37
CA THR B 542 -7.03 16.57 -4.42
C THR B 542 -7.93 15.97 -3.33
N ALA B 543 -7.82 16.49 -2.11
CA ALA B 543 -8.68 15.99 -1.05
C ALA B 543 -10.12 16.48 -1.23
N GLN B 544 -10.30 17.67 -1.81
CA GLN B 544 -11.64 18.18 -2.07
C GLN B 544 -12.37 17.27 -3.04
N THR B 545 -11.68 16.80 -4.07
CA THR B 545 -12.26 15.79 -4.92
C THR B 545 -12.29 14.43 -4.28
N ALA B 546 -11.41 14.17 -3.33
CA ALA B 546 -11.42 12.88 -2.68
C ALA B 546 -12.65 12.71 -1.82
N ILE B 547 -13.16 13.82 -1.29
CA ILE B 547 -14.47 13.81 -0.64
C ILE B 547 -15.54 13.33 -1.61
N GLN B 548 -15.52 13.84 -2.84
CA GLN B 548 -16.54 13.50 -3.82
C GLN B 548 -16.44 12.05 -4.24
N LEU B 549 -15.22 11.58 -4.47
CA LEU B 549 -15.04 10.19 -4.85
C LEU B 549 -15.38 9.27 -3.70
N PHE B 550 -15.20 9.73 -2.46
CA PHE B 550 -15.62 8.91 -1.34
C PHE B 550 -17.13 8.88 -1.19
N ILE B 551 -17.80 10.00 -1.45
CA ILE B 551 -19.25 10.02 -1.34
C ILE B 551 -19.86 9.18 -2.44
N ALA B 552 -19.25 9.19 -3.63
CA ALA B 552 -19.73 8.32 -4.71
C ALA B 552 -19.46 6.87 -4.39
N ASP B 553 -18.34 6.58 -3.73
CA ASP B 553 -18.07 5.22 -3.30
C ASP B 553 -19.10 4.74 -2.28
N TYR B 554 -19.41 5.60 -1.32
CA TYR B 554 -20.34 5.23 -0.25
C TYR B 554 -21.76 5.12 -0.78
N ARG B 555 -22.18 6.10 -1.57
CA ARG B 555 -23.48 6.08 -2.22
C ARG B 555 -23.60 5.00 -3.28
N TYR B 556 -22.52 4.37 -3.68
CA TYR B 556 -22.75 3.09 -4.30
C TYR B 556 -22.83 1.98 -3.28
N THR B 557 -22.05 2.08 -2.19
CA THR B 557 -21.83 0.93 -1.33
C THR B 557 -23.07 0.52 -0.57
N TYR B 558 -23.94 1.47 -0.26
CA TYR B 558 -25.12 1.18 0.54
C TYR B 558 -26.38 1.78 -0.07
N LYS B 559 -26.35 2.06 -1.37
CA LYS B 559 -27.51 2.42 -2.20
C LYS B 559 -28.26 3.64 -1.70
N CYS B 560 -27.62 4.45 -0.88
CA CYS B 560 -28.24 5.60 -0.26
C CYS B 560 -28.04 6.84 -1.12
N HIS B 561 -28.78 6.88 -2.22
CA HIS B 561 -28.72 8.04 -3.09
C HIS B 561 -29.75 9.10 -2.68
N ARG B 562 -29.76 10.19 -3.42
CA ARG B 562 -30.66 11.29 -3.12
C ARG B 562 -32.07 10.96 -3.58
N GLY B 563 -33.06 11.39 -2.80
CA GLY B 563 -34.44 11.11 -3.15
C GLY B 563 -34.91 11.87 -4.36
N ASP B 564 -34.29 13.02 -4.66
CA ASP B 564 -34.60 13.77 -5.86
C ASP B 564 -33.76 13.35 -7.05
N SER B 565 -33.23 12.13 -7.04
CA SER B 565 -32.51 11.58 -8.18
C SER B 565 -33.41 10.68 -8.99
N LYS B 566 -32.88 10.23 -10.12
CA LYS B 566 -33.53 9.22 -10.94
C LYS B 566 -32.79 7.90 -10.85
N VAL B 567 -32.33 7.55 -9.69
CA VAL B 567 -31.92 6.18 -9.42
C VAL B 567 -33.16 5.45 -8.97
N GLU B 568 -33.14 4.14 -9.12
CA GLU B 568 -34.18 3.27 -8.59
C GLU B 568 -33.54 2.32 -7.61
N GLY B 569 -34.34 1.38 -7.14
CA GLY B 569 -33.88 0.39 -6.19
C GLY B 569 -34.92 0.08 -5.15
N LYS B 570 -34.78 -1.10 -4.54
CA LYS B 570 -35.67 -1.46 -3.46
C LYS B 570 -35.40 -0.62 -2.21
N ARG B 571 -34.18 -0.14 -2.05
CA ARG B 571 -33.88 0.71 -0.90
C ARG B 571 -34.32 2.15 -1.13
N MET B 572 -34.11 2.66 -2.34
CA MET B 572 -34.24 4.10 -2.58
C MET B 572 -35.68 4.59 -2.56
N LYS B 573 -36.65 3.71 -2.71
CA LYS B 573 -38.05 4.10 -2.76
C LYS B 573 -38.52 4.67 -1.43
N ILE B 574 -38.09 4.06 -0.33
CA ILE B 574 -38.46 4.54 0.99
C ILE B 574 -37.78 5.86 1.29
N ILE B 575 -36.58 6.06 0.76
CA ILE B 575 -35.90 7.34 0.90
C ILE B 575 -36.66 8.43 0.15
N LYS B 576 -37.15 8.09 -1.04
CA LYS B 576 -37.98 9.04 -1.79
C LYS B 576 -39.28 9.32 -1.04
N GLU B 577 -39.83 8.29 -0.41
CA GLU B 577 -41.04 8.43 0.41
C GLU B 577 -40.80 9.39 1.56
N LEU B 578 -39.65 9.27 2.21
CA LEU B 578 -39.30 10.19 3.29
C LEU B 578 -39.10 11.60 2.75
N TRP B 579 -38.55 11.72 1.54
CA TRP B 579 -38.34 13.03 0.96
C TRP B 579 -39.65 13.74 0.69
N GLU B 580 -40.62 13.03 0.15
CA GLU B 580 -41.93 13.64 -0.03
C GLU B 580 -42.73 13.69 1.25
N ASN B 581 -42.24 13.08 2.33
CA ASN B 581 -42.91 13.19 3.61
C ASN B 581 -42.48 14.44 4.39
N THR B 582 -41.18 14.64 4.56
CA THR B 582 -40.71 15.59 5.56
C THR B 582 -40.77 17.02 5.07
N LYS B 583 -40.70 17.93 6.04
CA LYS B 583 -40.44 19.34 5.80
C LYS B 583 -39.01 19.72 6.19
N GLY B 584 -38.22 18.74 6.58
CA GLY B 584 -36.82 18.95 6.92
C GLY B 584 -35.94 19.00 5.70
N ARG B 585 -35.92 20.15 5.03
CA ARG B 585 -35.36 20.30 3.69
C ARG B 585 -33.86 20.02 3.60
N ASP B 586 -33.15 19.96 4.72
CA ASP B 586 -31.76 19.52 4.67
C ASP B 586 -31.36 18.58 5.78
N GLY B 587 -32.16 18.45 6.83
CA GLY B 587 -31.69 17.76 8.01
C GLY B 587 -31.76 16.25 7.94
N LEU B 588 -31.02 15.64 7.01
CA LEU B 588 -30.88 14.20 7.00
C LEU B 588 -29.40 13.86 6.95
N LEU B 589 -29.09 12.63 7.30
CA LEU B 589 -27.77 12.11 7.09
C LEU B 589 -27.76 11.21 5.86
N VAL B 590 -26.55 11.00 5.31
CA VAL B 590 -26.39 10.49 3.95
C VAL B 590 -26.85 9.06 3.80
N ALA B 591 -26.87 8.28 4.87
CA ALA B 591 -27.43 6.94 4.74
C ALA B 591 -28.94 6.95 4.72
N ASP B 592 -29.56 8.11 4.88
CA ASP B 592 -30.98 8.28 4.71
C ASP B 592 -31.23 9.41 3.73
N GLY B 593 -30.55 9.34 2.60
CA GLY B 593 -30.76 10.33 1.58
C GLY B 593 -30.14 11.66 1.97
N GLY B 594 -30.71 12.71 1.40
CA GLY B 594 -30.31 14.05 1.73
C GLY B 594 -28.96 14.41 1.15
N PRO B 595 -28.51 15.61 1.40
CA PRO B 595 -27.27 16.07 0.81
C PRO B 595 -26.08 15.60 1.64
N ASN B 596 -24.91 16.03 1.23
CA ASN B 596 -23.73 15.99 2.05
C ASN B 596 -23.18 17.40 2.12
N ILE B 597 -22.82 17.84 3.33
CA ILE B 597 -22.53 19.24 3.54
C ILE B 597 -21.09 19.45 3.98
N TYR B 598 -20.17 18.66 3.46
CA TYR B 598 -18.77 18.80 3.83
C TYR B 598 -18.02 19.72 2.87
N ASN B 599 -16.82 20.09 3.28
CA ASN B 599 -15.93 20.95 2.53
C ASN B 599 -14.52 20.73 3.08
N LEU B 600 -13.63 21.68 2.85
CA LEU B 600 -12.28 21.59 3.42
C LEU B 600 -12.27 21.74 4.93
N ARG B 601 -13.24 22.43 5.52
CA ARG B 601 -13.11 22.79 6.93
C ARG B 601 -13.86 21.86 7.86
N ASN B 602 -15.13 21.57 7.56
CA ASN B 602 -16.01 20.89 8.50
C ASN B 602 -15.63 19.42 8.52
N LEU B 603 -14.55 19.10 9.21
CA LEU B 603 -13.95 17.78 9.10
C LEU B 603 -14.00 16.96 10.37
N HIS B 604 -13.79 17.59 11.52
CA HIS B 604 -13.58 16.88 12.76
C HIS B 604 -14.88 16.61 13.53
N ILE B 605 -16.02 16.70 12.85
CA ILE B 605 -17.30 16.45 13.49
C ILE B 605 -17.86 15.17 12.91
N PRO B 606 -18.59 14.40 13.67
CA PRO B 606 -19.46 13.37 13.05
C PRO B 606 -20.69 13.96 12.39
N GLU B 607 -21.58 13.08 11.92
CA GLU B 607 -22.72 13.50 11.11
C GLU B 607 -23.75 14.23 11.96
N ILE B 608 -24.29 13.53 12.94
CA ILE B 608 -25.50 13.96 13.65
C ILE B 608 -25.23 15.20 14.45
N VAL B 609 -24.01 15.35 14.95
CA VAL B 609 -23.66 16.50 15.76
C VAL B 609 -23.11 17.61 14.88
N LEU B 610 -23.33 17.49 13.58
CA LEU B 610 -23.31 18.65 12.72
C LEU B 610 -24.69 19.01 12.21
N LYS B 611 -25.55 18.01 12.01
CA LYS B 611 -26.86 18.26 11.39
C LYS B 611 -28.02 18.23 12.38
N TYR B 612 -27.75 18.30 13.68
CA TYR B 612 -28.81 18.28 14.68
C TYR B 612 -29.68 19.53 14.62
N ASN B 613 -29.09 20.69 14.30
CA ASN B 613 -29.79 21.95 14.47
C ASN B 613 -30.90 22.14 13.43
N LEU B 614 -30.63 21.82 12.18
CA LEU B 614 -31.63 21.94 11.13
C LEU B 614 -32.53 20.72 11.04
N MET B 615 -32.29 19.73 11.90
CA MET B 615 -33.02 18.47 11.82
C MET B 615 -34.46 18.65 12.28
N ASP B 616 -35.32 17.75 11.83
CA ASP B 616 -36.72 17.80 12.24
C ASP B 616 -36.88 17.23 13.64
N PRO B 617 -37.79 17.78 14.46
CA PRO B 617 -38.09 17.19 15.78
C PRO B 617 -38.54 15.74 15.79
N GLU B 618 -39.65 15.41 15.14
CA GLU B 618 -40.13 14.04 15.28
C GLU B 618 -39.32 13.06 14.44
N TYR B 619 -38.62 13.52 13.42
CA TYR B 619 -37.69 12.64 12.72
C TYR B 619 -36.51 12.27 13.61
N LYS B 620 -35.94 13.25 14.32
CA LYS B 620 -34.80 12.93 15.19
C LYS B 620 -35.25 12.17 16.41
N GLY B 621 -36.51 12.34 16.82
CA GLY B 621 -37.06 11.50 17.85
C GLY B 621 -37.28 10.08 17.39
N ARG B 622 -37.58 9.91 16.10
CA ARG B 622 -37.60 8.57 15.53
C ARG B 622 -36.19 8.01 15.38
N LEU B 623 -35.19 8.87 15.28
CA LEU B 623 -33.83 8.38 15.13
C LEU B 623 -33.18 8.08 16.47
N LEU B 624 -33.28 9.00 17.42
CA LEU B 624 -32.57 8.87 18.69
C LEU B 624 -33.40 8.17 19.76
N HIS B 625 -34.28 7.27 19.37
CA HIS B 625 -35.06 6.51 20.32
C HIS B 625 -34.16 5.58 21.10
N PRO B 626 -34.15 5.64 22.43
CA PRO B 626 -33.24 4.81 23.21
C PRO B 626 -33.63 3.35 23.26
N GLN B 627 -34.85 3.02 22.82
CA GLN B 627 -35.30 1.64 22.75
C GLN B 627 -35.03 1.03 21.37
N ASN B 628 -34.00 1.54 20.69
CA ASN B 628 -33.59 1.08 19.36
C ASN B 628 -33.16 -0.39 19.41
N PRO B 629 -33.95 -1.28 18.82
CA PRO B 629 -33.79 -2.71 19.09
C PRO B 629 -32.65 -3.38 18.34
N PHE B 630 -32.03 -2.70 17.38
CA PHE B 630 -31.08 -3.34 16.50
C PHE B 630 -29.64 -2.95 16.78
N VAL B 631 -29.42 -2.06 17.74
CA VAL B 631 -28.09 -1.51 17.97
C VAL B 631 -27.28 -2.32 18.96
N GLY B 632 -27.90 -3.26 19.66
CA GLY B 632 -27.21 -4.03 20.68
C GLY B 632 -26.89 -3.24 21.93
N TYR B 656 -10.28 9.08 15.53
CA TYR B 656 -11.64 9.23 15.03
C TYR B 656 -12.58 9.66 16.14
N ASP B 657 -13.85 9.80 15.81
CA ASP B 657 -14.90 9.98 16.80
C ASP B 657 -16.16 9.31 16.28
N ALA B 658 -17.17 9.21 17.13
CA ALA B 658 -18.43 8.58 16.75
C ALA B 658 -19.55 9.18 17.57
N VAL B 659 -20.78 8.77 17.23
CA VAL B 659 -22.00 9.19 17.91
C VAL B 659 -22.93 7.99 17.95
N SER B 660 -23.49 7.70 19.13
CA SER B 660 -24.43 6.59 19.23
C SER B 660 -25.74 6.92 18.54
N GLY B 661 -26.41 5.88 18.07
CA GLY B 661 -27.65 6.04 17.35
C GLY B 661 -28.05 4.76 16.66
N THR B 662 -29.02 4.88 15.75
CA THR B 662 -29.56 3.70 15.09
C THR B 662 -28.60 3.17 14.03
N HIS B 663 -27.92 4.07 13.32
CA HIS B 663 -27.00 3.67 12.27
C HIS B 663 -25.75 3.01 12.82
N SER B 664 -25.41 3.26 14.08
CA SER B 664 -24.27 2.62 14.69
C SER B 664 -24.66 1.20 15.04
N TRP B 665 -24.58 0.31 14.05
CA TRP B 665 -24.91 -1.08 14.26
C TRP B 665 -23.86 -1.96 13.60
N ARG B 666 -23.91 -3.24 13.92
CA ARG B 666 -22.96 -4.23 13.44
C ARG B 666 -23.71 -5.46 12.96
N THR B 667 -22.96 -6.40 12.38
CA THR B 667 -23.52 -7.65 11.87
C THR B 667 -24.00 -8.56 12.98
N LEU C 59 -27.18 -8.57 11.79
CA LEU C 59 -28.39 -7.75 11.67
C LEU C 59 -29.57 -8.48 12.29
N ALA C 60 -29.38 -8.97 13.51
CA ALA C 60 -30.43 -9.62 14.26
C ALA C 60 -31.24 -8.57 15.03
N LEU C 61 -32.06 -9.01 15.97
CA LEU C 61 -32.91 -8.10 16.72
C LEU C 61 -33.02 -8.56 18.17
N THR C 62 -33.27 -7.60 19.06
CA THR C 62 -33.61 -7.94 20.43
C THR C 62 -35.03 -8.49 20.48
N LYS C 63 -35.26 -9.41 21.41
CA LYS C 63 -36.49 -10.19 21.39
C LYS C 63 -37.64 -9.44 22.06
N GLY C 64 -38.86 -9.78 21.64
CA GLY C 64 -40.06 -9.30 22.30
C GLY C 64 -40.89 -8.31 21.51
N ASP C 65 -41.36 -7.26 22.20
CA ASP C 65 -42.10 -6.18 21.55
C ASP C 65 -41.20 -5.38 20.61
N MET C 66 -39.88 -5.42 20.85
CA MET C 66 -38.87 -4.89 19.95
C MET C 66 -39.04 -5.38 18.50
N ALA C 67 -39.43 -6.63 18.32
CA ALA C 67 -39.74 -7.19 17.02
C ALA C 67 -41.17 -6.92 16.57
N ASN C 68 -41.86 -5.96 17.17
CA ASN C 68 -43.23 -5.64 16.80
C ASN C 68 -43.47 -4.16 16.56
N ARG C 69 -42.46 -3.31 16.74
CA ARG C 69 -42.58 -1.89 16.42
C ARG C 69 -42.17 -1.58 14.98
N ILE C 70 -41.45 -2.49 14.34
CA ILE C 70 -41.20 -2.46 12.91
C ILE C 70 -42.31 -3.31 12.30
N PRO C 71 -42.66 -3.17 11.04
CA PRO C 71 -43.58 -4.12 10.40
C PRO C 71 -42.86 -5.31 9.78
N LEU C 72 -43.65 -6.28 9.36
CA LEU C 72 -43.11 -7.49 8.73
C LEU C 72 -42.77 -7.24 7.26
N GLU C 73 -43.77 -6.87 6.46
CA GLU C 73 -43.57 -6.56 5.07
C GLU C 73 -44.26 -5.24 4.76
N TYR C 74 -43.55 -4.35 4.08
CA TYR C 74 -44.05 -3.00 3.84
C TYR C 74 -43.81 -2.66 2.38
N LYS C 75 -44.90 -2.49 1.63
CA LYS C 75 -44.91 -2.20 0.20
C LYS C 75 -44.10 -3.22 -0.58
N GLY C 76 -44.33 -4.49 -0.27
CA GLY C 76 -43.66 -5.60 -0.91
C GLY C 76 -42.31 -5.96 -0.32
N ILE C 77 -41.60 -5.00 0.27
CA ILE C 77 -40.25 -5.21 0.76
C ILE C 77 -40.30 -6.02 2.05
N GLN C 78 -39.38 -6.97 2.18
CA GLN C 78 -39.20 -7.68 3.43
C GLN C 78 -38.53 -6.76 4.45
N LEU C 79 -38.72 -7.09 5.73
CA LEU C 79 -38.08 -6.30 6.77
C LEU C 79 -37.32 -7.17 7.77
N LYS C 80 -37.80 -8.39 7.98
CA LYS C 80 -37.24 -9.28 8.99
C LYS C 80 -37.45 -10.72 8.56
N THR C 81 -36.90 -11.63 9.34
CA THR C 81 -37.05 -13.06 9.09
C THR C 81 -37.89 -13.69 10.19
N ASN C 82 -38.01 -15.02 10.17
CA ASN C 82 -38.84 -15.74 11.12
C ASN C 82 -38.13 -16.92 11.77
N ALA C 83 -36.85 -17.15 11.47
CA ALA C 83 -36.11 -18.28 12.00
C ALA C 83 -35.44 -17.90 13.32
N GLU C 84 -34.49 -18.71 13.76
CA GLU C 84 -33.69 -18.42 14.94
C GLU C 84 -32.24 -18.78 14.68
N ASP C 85 -31.33 -17.90 15.10
CA ASP C 85 -29.90 -18.10 14.85
C ASP C 85 -29.32 -18.95 15.98
N ILE C 86 -27.99 -19.06 16.01
CA ILE C 86 -27.31 -19.98 16.93
C ILE C 86 -26.24 -19.28 17.78
N GLY C 87 -25.83 -18.07 17.44
CA GLY C 87 -24.84 -17.36 18.24
C GLY C 87 -25.48 -16.53 19.34
N THR C 88 -26.41 -15.67 18.96
CA THR C 88 -27.21 -14.91 19.90
C THR C 88 -28.69 -15.29 19.83
N LYS C 89 -29.04 -16.27 19.00
CA LYS C 89 -30.33 -16.97 19.00
C LYS C 89 -31.50 -16.03 18.69
N GLY C 90 -31.45 -15.44 17.50
CA GLY C 90 -32.45 -14.49 17.09
C GLY C 90 -32.74 -14.58 15.60
N GLN C 91 -33.63 -13.69 15.16
CA GLN C 91 -34.00 -13.59 13.75
C GLN C 91 -33.45 -12.30 13.16
N MET C 92 -33.22 -12.32 11.85
CA MET C 92 -32.50 -11.25 11.19
C MET C 92 -33.43 -10.10 10.82
N CYS C 93 -32.84 -9.05 10.25
CA CYS C 93 -33.56 -7.84 9.90
C CYS C 93 -33.26 -7.44 8.46
N SER C 94 -33.66 -6.24 8.07
CA SER C 94 -33.27 -5.67 6.80
C SER C 94 -32.46 -4.39 7.05
N ILE C 95 -32.19 -3.67 5.97
CA ILE C 95 -31.73 -2.29 6.06
C ILE C 95 -32.89 -1.36 5.73
N ALA C 96 -33.91 -1.85 5.01
CA ALA C 96 -35.16 -1.13 4.88
C ALA C 96 -35.84 -0.95 6.23
N ALA C 97 -35.55 -1.83 7.19
CA ALA C 97 -35.97 -1.59 8.58
C ALA C 97 -35.29 -0.37 9.16
N VAL C 98 -33.98 -0.21 8.90
CA VAL C 98 -33.25 0.90 9.52
C VAL C 98 -33.60 2.21 8.85
N THR C 99 -34.23 2.17 7.68
CA THR C 99 -34.84 3.41 7.20
C THR C 99 -36.31 3.55 7.66
N TRP C 100 -37.03 2.43 7.84
CA TRP C 100 -38.42 2.50 8.26
C TRP C 100 -38.56 3.07 9.65
N TRP C 101 -37.62 2.75 10.53
CA TRP C 101 -37.64 3.35 11.86
C TRP C 101 -37.35 4.84 11.81
N ASN C 102 -36.58 5.29 10.83
CA ASN C 102 -36.31 6.72 10.73
C ASN C 102 -37.47 7.48 10.14
N THR C 103 -38.33 6.83 9.36
CA THR C 103 -39.48 7.58 8.85
C THR C 103 -40.75 7.39 9.66
N TYR C 104 -41.00 6.20 10.22
CA TYR C 104 -42.34 5.85 10.68
C TYR C 104 -42.37 5.15 12.03
N GLY C 105 -41.35 5.30 12.86
CA GLY C 105 -41.30 4.61 14.13
C GLY C 105 -41.91 5.41 15.27
N PRO C 106 -41.82 4.89 16.49
CA PRO C 106 -42.29 5.64 17.65
C PRO C 106 -41.31 6.75 18.01
N ILE C 107 -41.83 7.75 18.71
CA ILE C 107 -41.07 8.94 19.05
C ILE C 107 -40.22 8.65 20.29
N GLY C 108 -38.98 9.16 20.30
CA GLY C 108 -38.12 9.05 21.45
C GLY C 108 -38.24 10.26 22.37
N ASP C 109 -37.17 10.50 23.13
CA ASP C 109 -37.01 11.68 23.94
C ASP C 109 -35.73 12.40 23.50
N THR C 110 -35.54 13.63 23.98
CA THR C 110 -34.39 14.42 23.56
C THR C 110 -33.72 15.06 24.78
N GLU C 111 -33.44 14.26 25.80
CA GLU C 111 -32.65 14.71 26.93
C GLU C 111 -31.54 13.70 27.18
N GLY C 112 -30.36 14.21 27.53
CA GLY C 112 -29.17 13.40 27.65
C GLY C 112 -28.37 13.34 26.38
N PHE C 113 -29.04 13.19 25.23
CA PHE C 113 -28.37 13.18 23.95
C PHE C 113 -27.73 14.53 23.67
N GLU C 114 -28.40 15.61 24.08
CA GLU C 114 -27.74 16.91 24.11
C GLU C 114 -26.69 16.94 25.22
N LYS C 115 -26.98 16.31 26.35
CA LYS C 115 -26.19 16.57 27.55
C LYS C 115 -24.85 15.85 27.53
N VAL C 116 -24.80 14.61 27.05
CA VAL C 116 -23.56 13.86 27.14
C VAL C 116 -22.54 14.24 26.09
N TYR C 117 -22.97 14.81 24.96
CA TYR C 117 -22.05 15.32 23.96
C TYR C 117 -22.12 16.84 24.03
N GLU C 118 -21.08 17.44 24.57
CA GLU C 118 -21.01 18.89 24.58
C GLU C 118 -19.75 19.45 23.95
N SER C 119 -18.62 18.74 24.06
CA SER C 119 -17.35 19.27 23.59
C SER C 119 -17.32 19.41 22.07
N PHE C 120 -17.98 18.52 21.35
CA PHE C 120 -18.01 18.69 19.90
C PHE C 120 -19.00 19.77 19.50
N PHE C 121 -20.01 20.03 20.33
CA PHE C 121 -20.82 21.24 20.13
C PHE C 121 -20.00 22.49 20.37
N LEU C 122 -19.07 22.44 21.32
CA LEU C 122 -18.14 23.54 21.52
C LEU C 122 -17.22 23.71 20.31
N ARG C 123 -16.79 22.59 19.72
CA ARG C 123 -16.03 22.66 18.49
C ARG C 123 -16.86 23.23 17.35
N LYS C 124 -18.15 22.90 17.36
CA LYS C 124 -19.06 23.41 16.34
C LYS C 124 -19.21 24.92 16.44
N MET C 125 -19.44 25.44 17.64
CA MET C 125 -19.55 26.88 17.78
C MET C 125 -18.19 27.57 17.66
N ARG C 126 -17.10 26.85 17.90
CA ARG C 126 -15.79 27.43 17.63
C ARG C 126 -15.55 27.57 16.14
N LEU C 127 -16.05 26.62 15.34
CA LEU C 127 -16.07 26.79 13.90
C LEU C 127 -16.97 27.95 13.51
N ASP C 128 -18.20 27.95 14.02
CA ASP C 128 -19.23 28.88 13.59
C ASP C 128 -19.02 30.29 14.12
N ASN C 129 -18.11 30.48 15.06
CA ASN C 129 -17.78 31.81 15.55
C ASN C 129 -16.43 32.29 15.07
N ALA C 130 -15.73 31.48 14.27
CA ALA C 130 -14.37 31.80 13.85
C ALA C 130 -14.38 32.89 12.79
N THR C 131 -13.20 33.47 12.56
CA THR C 131 -12.99 34.43 11.48
C THR C 131 -11.74 34.06 10.70
N TRP C 132 -11.80 34.23 9.38
CA TRP C 132 -10.67 33.96 8.50
C TRP C 132 -10.03 35.28 8.07
N GLY C 133 -8.88 35.16 7.41
CA GLY C 133 -8.14 36.34 6.99
C GLY C 133 -7.66 36.28 5.56
N ARG C 134 -6.34 36.36 5.38
CA ARG C 134 -5.73 36.40 4.06
C ARG C 134 -5.13 35.04 3.71
N ILE C 135 -5.33 34.62 2.46
CA ILE C 135 -4.60 33.48 1.91
C ILE C 135 -3.23 33.94 1.46
N THR C 136 -2.19 33.25 1.93
CA THR C 136 -0.83 33.58 1.58
C THR C 136 -0.25 32.54 0.65
N PHE C 137 0.92 32.86 0.11
CA PHE C 137 1.59 32.05 -0.89
C PHE C 137 3.05 31.87 -0.48
N GLY C 138 3.88 31.34 -1.37
CA GLY C 138 5.29 31.26 -1.11
C GLY C 138 5.66 30.14 -0.16
N PRO C 139 6.95 29.92 0.04
CA PRO C 139 7.40 28.78 0.85
C PRO C 139 7.17 29.03 2.34
N VAL C 140 7.30 27.94 3.10
CA VAL C 140 7.11 27.97 4.54
C VAL C 140 8.16 27.08 5.18
N GLU C 141 8.40 27.30 6.47
CA GLU C 141 9.32 26.49 7.26
C GLU C 141 8.56 25.91 8.43
N ARG C 142 8.71 24.60 8.64
CA ARG C 142 7.92 23.88 9.63
C ARG C 142 8.82 23.27 10.68
N VAL C 143 8.22 22.97 11.83
CA VAL C 143 8.93 22.36 12.95
C VAL C 143 8.18 21.11 13.36
N ARG C 144 8.85 19.97 13.31
CA ARG C 144 8.26 18.68 13.67
C ARG C 144 8.17 18.63 15.18
N LYS C 145 7.02 19.00 15.72
CA LYS C 145 6.85 19.18 17.15
C LYS C 145 5.65 18.38 17.65
N ARG C 146 5.81 17.76 18.81
CA ARG C 146 4.71 17.05 19.47
C ARG C 146 3.88 18.05 20.26
N VAL C 147 2.69 18.36 19.77
CA VAL C 147 1.80 19.30 20.42
C VAL C 147 0.48 18.56 20.69
N LEU C 148 -0.24 18.99 21.72
CA LEU C 148 -1.60 18.54 21.95
C LEU C 148 -2.48 18.83 20.74
N LEU C 149 -3.21 17.81 20.26
CA LEU C 149 -4.00 17.98 19.06
C LEU C 149 -5.28 18.76 19.35
N ASN C 150 -6.12 18.25 20.22
CA ASN C 150 -7.38 18.92 20.45
C ASN C 150 -7.36 19.64 21.79
N PRO C 151 -8.06 20.77 21.92
CA PRO C 151 -8.16 21.42 23.23
C PRO C 151 -8.98 20.59 24.19
N LEU C 152 -8.30 19.99 25.17
CA LEU C 152 -8.94 19.11 26.13
C LEU C 152 -9.76 19.95 27.12
N THR C 153 -10.79 19.31 27.69
CA THR C 153 -11.61 20.00 28.67
C THR C 153 -10.86 20.21 29.97
N LYS C 154 -10.57 19.12 30.67
CA LYS C 154 -9.83 19.14 31.92
C LYS C 154 -8.69 18.14 31.83
N GLU C 155 -7.67 18.33 32.67
CA GLU C 155 -6.42 17.60 32.57
C GLU C 155 -6.25 16.72 33.81
N MET C 156 -6.07 15.42 33.59
CA MET C 156 -5.92 14.47 34.68
C MET C 156 -5.22 13.22 34.17
N PRO C 157 -4.56 12.46 35.05
CA PRO C 157 -3.94 11.21 34.62
C PRO C 157 -4.97 10.17 34.24
N PRO C 158 -4.70 9.31 33.26
CA PRO C 158 -5.73 8.45 32.68
C PRO C 158 -6.12 7.26 33.53
N ASP C 159 -5.18 6.73 34.32
CA ASP C 159 -5.49 5.57 35.17
C ASP C 159 -6.45 5.95 36.29
N GLU C 160 -6.13 7.02 37.02
CA GLU C 160 -7.04 7.49 38.06
C GLU C 160 -8.30 8.11 37.45
N ALA C 161 -8.20 8.61 36.21
CA ALA C 161 -9.39 9.09 35.52
C ALA C 161 -10.35 7.95 35.22
N SER C 162 -9.83 6.82 34.74
CA SER C 162 -10.66 5.65 34.48
C SER C 162 -11.23 5.11 35.78
N ASN C 163 -10.46 5.17 36.86
CA ASN C 163 -10.97 4.72 38.15
C ASN C 163 -12.08 5.64 38.66
N VAL C 164 -11.96 6.96 38.48
CA VAL C 164 -12.98 7.83 39.04
C VAL C 164 -14.23 7.86 38.17
N ILE C 165 -14.10 7.60 36.86
CA ILE C 165 -15.33 7.44 36.08
C ILE C 165 -15.96 6.08 36.34
N MET C 166 -15.15 5.08 36.73
CA MET C 166 -15.74 3.84 37.23
C MET C 166 -16.45 4.05 38.56
N GLU C 167 -15.95 4.98 39.38
CA GLU C 167 -16.65 5.36 40.60
C GLU C 167 -17.96 6.09 40.29
N ILE C 168 -17.97 6.90 39.22
CA ILE C 168 -19.21 7.54 38.77
C ILE C 168 -20.21 6.49 38.31
N LEU C 169 -19.73 5.50 37.54
CA LEU C 169 -20.58 4.42 37.04
C LEU C 169 -21.17 3.61 38.19
N PHE C 170 -20.32 3.14 39.10
CA PHE C 170 -20.75 2.32 40.22
C PHE C 170 -20.55 3.10 41.51
N PRO C 171 -21.57 3.77 42.03
CA PRO C 171 -21.40 4.50 43.30
C PRO C 171 -21.27 3.59 44.51
N LYS C 172 -21.97 2.45 44.52
CA LYS C 172 -21.83 1.52 45.63
C LYS C 172 -20.58 0.66 45.50
N GLU C 173 -20.11 0.41 44.28
CA GLU C 173 -18.86 -0.30 44.02
C GLU C 173 -17.75 0.66 43.63
N ALA C 174 -17.81 1.90 44.13
CA ALA C 174 -16.81 2.91 43.79
C ALA C 174 -15.45 2.57 44.41
N GLY C 175 -15.44 2.21 45.69
CA GLY C 175 -14.22 1.93 46.41
C GLY C 175 -14.09 2.83 47.63
N ILE C 176 -12.86 3.22 47.93
CA ILE C 176 -12.59 4.09 49.08
C ILE C 176 -12.59 5.53 48.61
N PRO C 177 -12.95 6.49 49.46
CA PRO C 177 -12.77 7.89 49.08
C PRO C 177 -11.32 8.31 49.14
N ARG C 178 -10.68 8.42 47.98
CA ARG C 178 -9.29 8.83 47.92
C ARG C 178 -9.21 10.36 47.83
N GLU C 179 -8.00 10.89 47.71
CA GLU C 179 -7.83 12.33 47.60
C GLU C 179 -8.20 12.83 46.22
N SER C 180 -7.88 12.06 45.17
CA SER C 180 -8.31 12.41 43.83
C SER C 180 -9.83 12.30 43.70
N THR C 181 -10.42 11.30 44.34
CA THR C 181 -11.88 11.22 44.40
C THR C 181 -12.47 12.35 45.22
N TRP C 182 -11.76 12.82 46.24
CA TRP C 182 -12.27 13.90 47.08
C TRP C 182 -12.23 15.23 46.35
N ILE C 183 -11.20 15.47 45.55
CA ILE C 183 -11.15 16.71 44.78
C ILE C 183 -12.03 16.61 43.53
N HIS C 184 -12.29 15.40 43.03
CA HIS C 184 -13.11 15.23 41.85
C HIS C 184 -14.57 14.90 42.17
N ARG C 185 -14.95 14.87 43.45
CA ARG C 185 -16.32 14.52 43.82
C ARG C 185 -17.33 15.55 43.34
N GLU C 186 -16.95 16.82 43.25
CA GLU C 186 -17.87 17.81 42.69
C GLU C 186 -18.04 17.61 41.19
N LEU C 187 -16.97 17.22 40.49
CA LEU C 187 -17.10 16.81 39.09
C LEU C 187 -17.95 15.56 38.95
N ILE C 188 -17.89 14.66 39.94
CA ILE C 188 -18.73 13.47 39.94
C ILE C 188 -20.19 13.86 40.05
N LYS C 189 -20.52 14.68 41.05
CA LYS C 189 -21.92 15.01 41.33
C LYS C 189 -22.52 15.91 40.26
N GLU C 190 -21.74 16.86 39.74
CA GLU C 190 -22.26 17.83 38.78
C GLU C 190 -22.53 17.23 37.41
N LYS C 191 -22.08 16.00 37.16
CA LYS C 191 -22.48 15.27 35.96
C LYS C 191 -23.35 14.08 36.26
N ARG C 192 -23.32 13.56 37.49
CA ARG C 192 -24.30 12.56 37.92
C ARG C 192 -25.68 13.17 38.00
N GLU C 193 -25.77 14.48 38.26
CA GLU C 193 -27.05 15.17 38.09
C GLU C 193 -27.41 15.38 36.62
N LYS C 194 -26.42 15.33 35.72
CA LYS C 194 -26.72 15.52 34.30
C LYS C 194 -27.24 14.22 33.68
N LEU C 195 -26.70 13.08 34.08
CA LEU C 195 -27.05 11.81 33.45
C LEU C 195 -28.35 11.20 33.98
N LYS C 196 -29.19 11.96 34.69
CA LYS C 196 -30.38 11.38 35.29
C LYS C 196 -31.47 11.10 34.25
N GLY C 197 -31.71 12.05 33.35
CA GLY C 197 -32.84 12.01 32.44
C GLY C 197 -32.74 11.09 31.25
N THR C 198 -31.86 10.10 31.27
CA THR C 198 -31.68 9.21 30.13
C THR C 198 -31.31 7.83 30.60
N MET C 199 -31.18 6.91 29.64
CA MET C 199 -30.63 5.58 29.86
C MET C 199 -29.61 5.26 28.78
N ILE C 200 -28.69 6.21 28.56
CA ILE C 200 -27.57 5.99 27.66
C ILE C 200 -26.66 4.91 28.26
N THR C 201 -26.18 4.02 27.39
CA THR C 201 -25.43 2.85 27.84
C THR C 201 -24.09 3.27 28.43
N PRO C 202 -23.66 2.61 29.52
CA PRO C 202 -22.37 2.97 30.15
C PRO C 202 -21.15 2.89 29.27
N ILE C 203 -21.12 2.06 28.21
CA ILE C 203 -19.97 2.08 27.32
C ILE C 203 -19.94 3.39 26.54
N VAL C 204 -21.11 3.90 26.16
CA VAL C 204 -21.20 5.19 25.50
C VAL C 204 -20.78 6.31 26.44
N LEU C 205 -21.24 6.24 27.69
CA LEU C 205 -20.88 7.23 28.69
C LEU C 205 -19.38 7.22 28.97
N ALA C 206 -18.81 6.02 29.14
CA ALA C 206 -17.40 5.89 29.44
C ALA C 206 -16.53 6.29 28.27
N TYR C 207 -16.98 5.99 27.03
CA TYR C 207 -16.21 6.38 25.86
C TYR C 207 -16.21 7.89 25.68
N MET C 208 -17.34 8.54 25.91
CA MET C 208 -17.37 10.00 25.83
C MET C 208 -16.56 10.64 26.96
N LEU C 209 -16.57 10.04 28.14
CA LEU C 209 -15.79 10.58 29.25
C LEU C 209 -14.29 10.43 29.02
N GLU C 210 -13.85 9.27 28.53
CA GLU C 210 -12.44 9.12 28.23
C GLU C 210 -12.04 9.91 26.99
N ARG C 211 -12.98 10.23 26.12
CA ARG C 211 -12.67 11.13 25.02
C ARG C 211 -12.52 12.57 25.51
N GLU C 212 -13.30 12.96 26.50
CA GLU C 212 -13.31 14.34 26.95
C GLU C 212 -12.28 14.65 28.03
N LEU C 213 -11.48 13.66 28.45
CA LEU C 213 -10.62 13.87 29.60
C LEU C 213 -9.15 13.48 29.40
N VAL C 214 -8.80 12.76 28.35
CA VAL C 214 -7.44 12.27 28.16
C VAL C 214 -6.78 13.05 27.01
N ALA C 215 -5.51 13.38 27.18
CA ALA C 215 -4.77 14.19 26.22
C ALA C 215 -4.33 13.36 25.02
N ARG C 216 -3.70 14.04 24.06
CA ARG C 216 -3.39 13.44 22.76
C ARG C 216 -2.15 14.14 22.20
N ARG C 217 -1.02 13.45 22.26
CA ARG C 217 0.27 14.04 21.89
C ARG C 217 0.89 13.22 20.76
N ARG C 218 1.09 13.85 19.60
CA ARG C 218 1.79 13.23 18.49
C ARG C 218 2.63 14.27 17.80
N PHE C 219 3.70 13.82 17.14
CA PHE C 219 4.57 14.70 16.39
C PHE C 219 3.98 15.02 15.02
N LEU C 220 4.20 16.26 14.58
CA LEU C 220 3.75 16.74 13.28
C LEU C 220 4.48 18.02 12.96
N PRO C 221 4.72 18.31 11.68
CA PRO C 221 5.26 19.62 11.32
C PRO C 221 4.22 20.71 11.54
N VAL C 222 4.67 21.87 12.01
CA VAL C 222 3.77 22.95 12.40
C VAL C 222 4.54 24.26 12.30
N ALA C 223 3.80 25.35 12.07
CA ALA C 223 4.38 26.69 12.11
C ALA C 223 3.29 27.68 12.51
N GLY C 224 3.72 28.85 12.98
CA GLY C 224 2.80 29.93 13.31
C GLY C 224 2.28 29.96 14.72
N ALA C 225 1.36 29.06 15.06
CA ALA C 225 0.73 29.02 16.38
C ALA C 225 0.90 27.63 16.98
N THR C 226 0.58 27.52 18.27
CA THR C 226 0.82 26.30 19.01
C THR C 226 -0.39 25.86 19.82
N SER C 227 -1.40 26.72 19.97
CA SER C 227 -2.59 26.36 20.74
C SER C 227 -3.40 25.28 20.03
N ALA C 228 -4.04 24.42 20.82
CA ALA C 228 -4.63 23.19 20.31
C ALA C 228 -5.82 23.43 19.39
N GLU C 229 -6.45 24.61 19.47
CA GLU C 229 -7.42 24.99 18.45
C GLU C 229 -6.77 25.10 17.08
N PHE C 230 -5.61 25.77 17.02
CA PHE C 230 -4.85 25.86 15.78
C PHE C 230 -4.30 24.50 15.38
N ILE C 231 -3.98 23.64 16.35
CA ILE C 231 -3.53 22.30 16.01
C ILE C 231 -4.68 21.48 15.42
N GLU C 232 -5.91 21.77 15.83
CA GLU C 232 -7.04 21.10 15.21
C GLU C 232 -7.33 21.66 13.82
N MET C 233 -7.05 22.94 13.58
CA MET C 233 -7.38 23.56 12.29
C MET C 233 -6.15 23.81 11.41
N LEU C 234 -5.04 23.10 11.64
CA LEU C 234 -3.81 23.34 10.89
C LEU C 234 -3.94 23.07 9.40
N HIS C 235 -4.84 22.16 8.99
CA HIS C 235 -4.94 21.89 7.56
C HIS C 235 -5.61 23.03 6.82
N CYS C 236 -6.57 23.70 7.47
CA CYS C 236 -7.05 24.94 6.88
C CYS C 236 -6.07 26.07 7.05
N LEU C 237 -5.16 25.98 8.03
CA LEU C 237 -4.10 26.99 8.11
C LEU C 237 -3.14 26.90 6.93
N GLN C 238 -2.43 25.78 6.81
CA GLN C 238 -1.30 25.75 5.90
C GLN C 238 -1.06 24.35 5.37
N GLY C 239 -0.47 24.28 4.19
CA GLY C 239 0.01 23.05 3.62
C GLY C 239 1.52 23.05 3.44
N GLU C 240 1.96 23.30 2.22
CA GLU C 240 3.38 23.32 1.90
C GLU C 240 3.81 24.50 1.04
N ASN C 241 2.87 25.28 0.50
CA ASN C 241 3.25 26.44 -0.29
C ASN C 241 2.30 27.60 -0.04
N TRP C 242 1.57 27.56 1.08
CA TRP C 242 0.48 28.49 1.32
C TRP C 242 0.13 28.45 2.79
N ARG C 243 -0.22 29.61 3.34
CA ARG C 243 -0.80 29.68 4.68
C ARG C 243 -2.08 30.50 4.60
N GLN C 244 -2.91 30.34 5.62
CA GLN C 244 -4.16 31.07 5.72
C GLN C 244 -4.27 31.71 7.10
N ILE C 245 -4.42 33.03 7.13
CA ILE C 245 -4.72 33.73 8.38
C ILE C 245 -6.10 33.31 8.85
N TYR C 246 -6.18 32.78 10.06
CA TYR C 246 -7.42 32.26 10.62
C TYR C 246 -7.44 32.56 12.11
N HIS C 247 -8.62 32.93 12.61
CA HIS C 247 -8.81 33.17 14.04
C HIS C 247 -10.01 32.36 14.50
N PRO C 248 -9.85 31.44 15.44
CA PRO C 248 -11.00 30.72 15.98
C PRO C 248 -11.86 31.65 16.82
N GLY C 249 -13.11 31.24 17.02
CA GLY C 249 -14.06 32.10 17.69
C GLY C 249 -14.68 31.52 18.93
N GLY C 250 -15.27 32.38 19.76
CA GLY C 250 -15.98 31.93 20.94
C GLY C 250 -15.04 31.67 22.10
N ASN C 251 -15.43 30.69 22.92
CA ASN C 251 -14.60 30.26 24.04
C ASN C 251 -13.59 29.22 23.57
N LYS C 252 -12.41 29.25 24.20
CA LYS C 252 -11.34 28.32 23.83
C LYS C 252 -11.01 27.42 25.00
#